data_6EWX
#
_entry.id   6EWX
#
_cell.length_a   193.430
_cell.length_b   58.920
_cell.length_c   110.640
_cell.angle_alpha   90.00
_cell.angle_beta   118.48
_cell.angle_gamma   90.00
#
_symmetry.space_group_name_H-M   'C 1 2 1'
#
loop_
_entity.id
_entity.type
_entity.pdbx_description
1 polymer 'PEAK1-related kinase-activating pseudokinase 1'
2 non-polymer 'SULFATE ION'
3 water water
#
_entity_poly.entity_id   1
_entity_poly.type   'polypeptide(L)'
_entity_poly.pdbx_seq_one_letter_code
;MGSSHHHHHHSSGLVPRGSHMSSQLQLHSLLSSISSKEGTYAKLGGLYTQSLARLVTKCEDLFMGGLKTELRFDENSWSL
FKLICNKPCCDSGDAIYYGATCSKDPDSIYAVKICKTPEPKSASYCSPSVPVHFNIQQDCGHFVASVPSSMLAFPDTSSK
DPAPAAPSHTPAQEQDCVVVITREVPHQTASDFVRDSVASHRAEPEVYERRVCFLLLQLCNGLEHLKEHGIIHRDLCLEN
LLLVHCNPQSSPGPSANPSVPTTTSRCPSAAPAATTACQGGPGEKHLPRLIISNFLKAKQKPGGTTNLQQKKSQARLAPE
IVSASQYRKFDEFQTGILIYELLHQPNPFEVRAQLRERDYRREDLPPLPTLSLYSPGLQQLAHLLLEADPIKRIRIGEAK
RVLQCLLWGPRRELVEQPCPSEEVLCNTLHNWIDMKRALMMMKFAEKAVERRRGVELEDWLCCQYLASAEPGALLQSLKL
LQLL
;
_entity_poly.pdbx_strand_id   A,B
#
# COMPACT_ATOMS: atom_id res chain seq x y z
N LEU A 30 -1.57 -23.41 3.26
CA LEU A 30 -0.17 -23.07 3.04
C LEU A 30 0.29 -23.36 1.62
N LEU A 31 1.60 -23.57 1.48
CA LEU A 31 2.26 -23.82 0.20
C LEU A 31 2.73 -25.27 0.15
N SER A 32 1.79 -26.16 -0.13
CA SER A 32 2.12 -27.53 -0.49
C SER A 32 2.32 -27.66 -1.99
N SER A 33 1.49 -26.95 -2.77
CA SER A 33 1.34 -27.08 -4.20
C SER A 33 2.26 -26.15 -5.00
N ILE A 34 3.48 -25.90 -4.50
CA ILE A 34 4.41 -25.08 -5.26
C ILE A 34 5.25 -25.90 -6.20
N SER A 35 5.02 -27.21 -6.25
CA SER A 35 5.68 -28.08 -7.22
C SER A 35 4.99 -28.10 -8.57
N SER A 36 3.82 -27.47 -8.70
CA SER A 36 3.03 -27.45 -9.93
C SER A 36 2.77 -26.00 -10.32
N LYS A 37 3.25 -25.60 -11.49
CA LYS A 37 2.99 -24.23 -11.93
C LYS A 37 1.50 -23.96 -12.04
N GLU A 38 0.69 -25.00 -12.28
CA GLU A 38 -0.76 -24.86 -12.46
C GLU A 38 -1.48 -24.64 -11.13
N GLY A 39 -1.07 -25.32 -10.06
CA GLY A 39 -1.66 -25.06 -8.75
C GLY A 39 -1.19 -23.75 -8.14
N THR A 40 -0.09 -23.20 -8.65
CA THR A 40 0.44 -21.93 -8.15
C THR A 40 -0.36 -20.77 -8.68
N TYR A 41 -0.73 -20.81 -9.98
CA TYR A 41 -1.68 -19.84 -10.52
C TYR A 41 -2.92 -19.79 -9.66
N ALA A 42 -3.42 -20.98 -9.28
CA ALA A 42 -4.66 -21.04 -8.50
C ALA A 42 -4.55 -20.17 -7.27
N LYS A 43 -3.56 -20.49 -6.43
CA LYS A 43 -3.37 -19.74 -5.19
C LYS A 43 -3.11 -18.26 -5.45
N LEU A 44 -2.35 -17.92 -6.50
CA LEU A 44 -2.10 -16.51 -6.77
C LEU A 44 -3.40 -15.81 -7.10
N GLY A 45 -4.18 -16.38 -8.02
CA GLY A 45 -5.50 -15.85 -8.27
C GLY A 45 -6.30 -15.68 -6.99
N GLY A 46 -6.14 -16.64 -6.07
CA GLY A 46 -6.89 -16.58 -4.83
C GLY A 46 -6.42 -15.49 -3.90
N LEU A 47 -5.11 -15.18 -3.92
CA LEU A 47 -4.58 -14.07 -3.14
C LEU A 47 -5.11 -12.75 -3.66
N TYR A 48 -5.13 -12.58 -5.00
CA TYR A 48 -5.58 -11.32 -5.57
C TYR A 48 -7.01 -11.02 -5.16
N THR A 49 -7.90 -12.00 -5.24
CA THR A 49 -9.29 -11.70 -4.89
C THR A 49 -9.44 -11.58 -3.38
N GLN A 50 -8.73 -12.42 -2.64
CA GLN A 50 -8.86 -12.41 -1.18
C GLN A 50 -8.50 -11.06 -0.60
N SER A 51 -7.56 -10.35 -1.25
CA SER A 51 -7.05 -9.07 -0.75
C SER A 51 -7.90 -7.92 -1.25
N LEU A 52 -8.19 -7.89 -2.55
CA LEU A 52 -9.11 -6.88 -3.06
C LEU A 52 -10.36 -6.84 -2.18
N ALA A 53 -10.84 -8.01 -1.78
CA ALA A 53 -11.98 -8.11 -0.88
C ALA A 53 -11.72 -7.37 0.42
N ARG A 54 -10.64 -7.73 1.13
CA ARG A 54 -10.30 -7.00 2.36
C ARG A 54 -10.08 -5.52 2.09
N LEU A 55 -9.62 -5.17 0.88
CA LEU A 55 -9.40 -3.77 0.57
C LEU A 55 -10.71 -2.99 0.49
N VAL A 56 -11.69 -3.47 -0.31
CA VAL A 56 -12.95 -2.74 -0.43
C VAL A 56 -13.59 -2.56 0.94
N THR A 57 -13.46 -3.54 1.84
CA THR A 57 -14.02 -3.33 3.18
C THR A 57 -13.24 -2.24 3.92
N LYS A 58 -11.90 -2.31 3.92
CA LYS A 58 -11.14 -1.27 4.62
C LYS A 58 -11.38 0.11 3.99
N CYS A 59 -11.49 0.17 2.65
CA CYS A 59 -11.88 1.42 2.03
C CYS A 59 -13.28 1.86 2.49
N GLU A 60 -14.18 0.90 2.66
CA GLU A 60 -15.52 1.27 3.12
C GLU A 60 -15.43 2.03 4.44
N ASP A 61 -14.85 1.41 5.47
CA ASP A 61 -14.78 2.03 6.79
C ASP A 61 -13.93 3.30 6.81
N LEU A 62 -13.24 3.61 5.71
CA LEU A 62 -12.36 4.78 5.65
C LEU A 62 -13.14 6.02 5.22
N PHE A 63 -13.65 6.01 3.99
CA PHE A 63 -14.85 6.79 3.69
C PHE A 63 -15.93 6.35 4.68
N MET A 64 -17.09 7.01 4.67
CA MET A 64 -18.13 6.63 5.63
C MET A 64 -17.61 6.63 7.08
N GLY A 65 -16.77 7.62 7.41
CA GLY A 65 -16.18 7.75 8.74
C GLY A 65 -15.43 6.53 9.29
N GLU A 70 -23.33 8.88 15.93
CA GLU A 70 -23.44 8.97 17.37
C GLU A 70 -23.44 10.42 17.84
N LEU A 71 -24.34 11.23 17.27
CA LEU A 71 -24.47 12.64 17.60
C LEU A 71 -25.62 13.28 16.81
N ARG A 72 -26.53 14.00 17.50
CA ARG A 72 -27.74 14.53 16.86
C ARG A 72 -28.13 15.88 17.47
N PHE A 73 -28.83 16.72 16.67
CA PHE A 73 -29.23 18.07 17.05
C PHE A 73 -30.71 18.35 16.74
N ASP A 74 -31.39 19.01 17.67
CA ASP A 74 -32.75 19.48 17.43
C ASP A 74 -32.83 20.97 17.78
N GLU A 75 -34.06 21.47 17.98
CA GLU A 75 -34.31 22.91 18.04
C GLU A 75 -33.72 23.60 19.25
N ASN A 76 -33.29 22.87 20.28
CA ASN A 76 -32.64 23.50 21.43
C ASN A 76 -31.12 23.56 21.30
N SER A 77 -30.55 22.78 20.38
CA SER A 77 -29.13 22.83 20.09
C SER A 77 -28.84 23.66 18.84
N TRP A 78 -29.81 24.45 18.38
CA TRP A 78 -29.49 25.46 17.37
C TRP A 78 -28.59 26.53 17.96
N SER A 79 -28.67 26.74 19.28
CA SER A 79 -27.72 27.59 20.01
C SER A 79 -26.27 27.25 19.68
N LEU A 80 -26.00 25.97 19.37
CA LEU A 80 -24.63 25.51 19.19
C LEU A 80 -23.96 26.02 17.91
N PHE A 81 -24.73 26.51 16.94
CA PHE A 81 -24.20 26.78 15.61
C PHE A 81 -23.92 28.26 15.39
N LYS A 82 -23.22 28.52 14.28
CA LYS A 82 -23.06 29.87 13.75
C LYS A 82 -22.62 29.72 12.30
N LEU A 83 -23.27 30.46 11.40
CA LEU A 83 -23.04 30.33 9.96
C LEU A 83 -21.63 30.73 9.59
N ILE A 84 -21.34 30.87 8.29
CA ILE A 84 -20.06 31.49 7.96
C ILE A 84 -20.26 32.65 7.00
N CYS A 85 -20.88 32.41 5.85
CA CYS A 85 -20.83 33.37 4.77
C CYS A 85 -22.09 33.49 3.92
N PRO A 88 -24.24 31.27 1.03
CA PRO A 88 -25.07 30.12 0.58
C PRO A 88 -24.31 29.25 -0.42
N CYS A 89 -23.67 28.18 0.09
CA CYS A 89 -22.70 27.43 -0.70
C CYS A 89 -23.34 26.64 -1.83
N CYS A 90 -24.61 26.24 -1.68
CA CYS A 90 -25.26 25.47 -2.72
C CYS A 90 -26.76 25.75 -2.73
N ASP A 91 -27.34 25.88 -3.93
CA ASP A 91 -28.78 26.06 -4.09
C ASP A 91 -29.32 24.84 -4.84
N SER A 92 -30.22 24.12 -4.17
CA SER A 92 -30.65 22.78 -4.55
C SER A 92 -32.07 22.79 -5.08
N GLY A 93 -32.50 21.65 -5.61
CA GLY A 93 -33.89 21.53 -6.03
C GLY A 93 -34.89 21.70 -4.90
N ASP A 94 -34.47 21.49 -3.65
CA ASP A 94 -35.38 21.56 -2.51
C ASP A 94 -34.85 22.37 -1.34
N ALA A 95 -33.67 22.98 -1.45
CA ALA A 95 -33.11 23.64 -0.27
C ALA A 95 -32.03 24.63 -0.67
N ILE A 96 -31.62 25.43 0.32
CA ILE A 96 -30.43 26.26 0.27
C ILE A 96 -29.54 25.80 1.43
N TYR A 97 -28.27 25.54 1.16
CA TYR A 97 -27.34 25.08 2.17
C TYR A 97 -26.40 26.22 2.54
N TYR A 98 -26.08 26.33 3.82
CA TYR A 98 -25.14 27.31 4.32
C TYR A 98 -24.12 26.58 5.17
N GLY A 99 -22.85 27.02 5.09
CA GLY A 99 -21.82 26.48 5.95
C GLY A 99 -21.96 27.02 7.37
N ALA A 100 -21.70 26.15 8.35
CA ALA A 100 -21.83 26.53 9.76
C ALA A 100 -20.98 25.61 10.60
N THR A 101 -20.77 26.00 11.86
CA THR A 101 -19.94 25.29 12.83
C THR A 101 -20.71 25.13 14.13
N CYS A 102 -20.41 24.06 14.87
CA CYS A 102 -20.81 23.95 16.28
C CYS A 102 -19.66 24.27 17.20
N SER A 103 -20.00 24.79 18.37
CA SER A 103 -19.03 24.81 19.46
C SER A 103 -18.74 23.39 19.94
N LYS A 104 -19.78 22.56 20.05
CA LYS A 104 -19.61 21.23 20.65
C LYS A 104 -18.71 20.35 19.79
N ASP A 105 -18.89 20.37 18.47
CA ASP A 105 -17.95 19.75 17.55
C ASP A 105 -17.19 20.85 16.82
N PRO A 106 -15.99 21.19 17.24
CA PRO A 106 -15.21 22.22 16.55
C PRO A 106 -14.38 21.62 15.42
N ASP A 107 -13.83 22.50 14.58
CA ASP A 107 -12.91 22.16 13.50
C ASP A 107 -13.51 21.19 12.48
N SER A 108 -14.69 20.64 12.77
CA SER A 108 -15.48 19.97 11.76
C SER A 108 -16.60 20.89 11.32
N ILE A 109 -17.00 20.75 10.05
CA ILE A 109 -17.80 21.75 9.36
C ILE A 109 -19.11 21.10 8.89
N TYR A 110 -20.22 21.77 9.16
CA TYR A 110 -21.55 21.25 8.88
C TYR A 110 -22.28 22.12 7.85
N ALA A 111 -23.33 21.56 7.28
CA ALA A 111 -24.16 22.27 6.33
C ALA A 111 -25.56 22.44 6.92
N VAL A 112 -26.14 23.61 6.70
CA VAL A 112 -27.46 23.94 7.24
C VAL A 112 -28.41 23.99 6.05
N LYS A 113 -29.25 22.96 5.91
CA LYS A 113 -30.11 22.79 4.75
C LYS A 113 -31.44 23.50 5.05
N ILE A 114 -31.61 24.69 4.48
CA ILE A 114 -32.83 25.46 4.67
C ILE A 114 -33.80 25.06 3.57
N CYS A 115 -34.70 24.11 3.88
CA CYS A 115 -35.61 23.63 2.86
C CYS A 115 -36.48 24.78 2.38
N LYS A 116 -36.85 24.73 1.10
CA LYS A 116 -37.80 25.69 0.55
C LYS A 116 -39.19 25.37 1.11
N THR A 117 -40.27 25.65 0.36
CA THR A 117 -41.53 25.42 1.06
C THR A 117 -42.47 24.41 0.39
N PRO A 118 -42.91 24.61 -0.89
CA PRO A 118 -44.15 23.99 -1.38
C PRO A 118 -44.36 22.51 -1.04
N VAL A 130 -34.25 3.78 5.15
CA VAL A 130 -33.01 3.40 4.45
C VAL A 130 -31.77 3.58 5.34
N PRO A 131 -30.92 2.55 5.42
CA PRO A 131 -29.62 2.70 6.09
C PRO A 131 -28.75 3.68 5.31
N VAL A 132 -27.66 4.07 5.94
CA VAL A 132 -26.83 5.10 5.32
C VAL A 132 -26.11 4.53 4.12
N HIS A 133 -25.93 5.38 3.11
CA HIS A 133 -25.09 5.06 1.97
C HIS A 133 -24.19 6.26 1.64
N PHE A 134 -23.02 5.95 1.10
CA PHE A 134 -22.08 7.00 0.70
C PHE A 134 -22.70 7.98 -0.31
N ASN A 135 -23.68 7.52 -1.10
CA ASN A 135 -24.23 8.31 -2.20
C ASN A 135 -25.66 8.76 -1.95
N ILE A 136 -26.15 8.68 -0.71
CA ILE A 136 -27.51 9.08 -0.38
C ILE A 136 -27.47 10.01 0.81
N GLN A 137 -28.15 11.15 0.69
CA GLN A 137 -28.10 12.20 1.72
C GLN A 137 -28.53 11.68 3.10
N GLN A 138 -27.81 12.17 4.13
CA GLN A 138 -28.04 11.84 5.54
C GLN A 138 -28.12 13.13 6.34
N ASP A 139 -28.79 13.09 7.48
CA ASP A 139 -28.89 14.27 8.31
C ASP A 139 -28.69 13.91 9.77
N CYS A 140 -28.25 14.90 10.56
CA CYS A 140 -28.13 14.74 12.00
C CYS A 140 -29.16 15.56 12.78
N GLY A 141 -30.25 15.95 12.14
CA GLY A 141 -31.33 16.58 12.87
C GLY A 141 -32.10 17.62 12.07
N HIS A 142 -33.38 17.74 12.40
CA HIS A 142 -34.25 18.69 11.73
C HIS A 142 -35.07 19.42 12.78
N PHE A 143 -35.59 20.58 12.40
CA PHE A 143 -36.46 21.40 13.24
C PHE A 143 -37.05 22.50 12.36
N VAL A 144 -37.83 23.40 12.98
CA VAL A 144 -38.44 24.53 12.30
C VAL A 144 -37.79 25.81 12.82
N ALA A 145 -37.51 26.73 11.90
CA ALA A 145 -36.98 28.03 12.27
C ALA A 145 -37.68 29.11 11.47
N SER A 146 -37.72 30.31 12.02
CA SER A 146 -38.09 31.49 11.25
C SER A 146 -36.83 32.07 10.61
N VAL A 147 -36.78 32.05 9.29
CA VAL A 147 -35.59 32.41 8.53
C VAL A 147 -35.82 33.77 7.90
N PRO A 148 -34.90 34.71 8.05
CA PRO A 148 -35.00 35.97 7.32
C PRO A 148 -35.16 35.73 5.83
N SER A 149 -36.16 36.40 5.22
CA SER A 149 -36.30 36.38 3.77
C SER A 149 -34.99 36.75 3.08
N SER A 150 -34.15 37.53 3.75
CA SER A 150 -32.91 38.06 3.20
C SER A 150 -31.84 37.00 2.99
N MET A 151 -32.13 35.72 3.25
CA MET A 151 -31.14 34.69 2.98
C MET A 151 -31.74 33.54 2.19
N LEU A 152 -32.70 33.83 1.31
CA LEU A 152 -33.17 32.85 0.34
C LEU A 152 -33.09 33.39 -1.10
N GLN A 173 -39.78 39.88 5.46
CA GLN A 173 -38.97 39.68 6.67
C GLN A 173 -39.51 38.51 7.49
N GLU A 174 -38.77 37.39 7.45
CA GLU A 174 -39.00 36.18 8.26
C GLU A 174 -40.17 35.30 7.79
N GLN A 175 -39.84 34.09 7.36
CA GLN A 175 -40.83 33.05 7.04
C GLN A 175 -40.39 31.76 7.71
N ASP A 176 -41.34 30.86 7.89
CA ASP A 176 -41.06 29.59 8.58
C ASP A 176 -40.63 28.52 7.58
N CYS A 177 -39.57 27.80 7.93
CA CYS A 177 -38.96 26.78 7.09
C CYS A 177 -38.43 25.65 7.96
N VAL A 178 -38.49 24.43 7.41
CA VAL A 178 -37.85 23.28 8.04
C VAL A 178 -36.35 23.31 7.72
N VAL A 179 -35.53 23.20 8.75
CA VAL A 179 -34.08 23.25 8.60
C VAL A 179 -33.50 21.88 8.98
N VAL A 180 -32.57 21.41 8.15
CA VAL A 180 -31.91 20.13 8.34
C VAL A 180 -30.42 20.37 8.38
N ILE A 181 -29.74 19.82 9.38
CA ILE A 181 -28.29 19.98 9.47
C ILE A 181 -27.62 18.66 9.13
N THR A 182 -26.42 18.76 8.56
CA THR A 182 -25.78 17.74 7.73
C THR A 182 -24.26 17.91 7.79
N ARG A 183 -23.52 16.78 7.81
CA ARG A 183 -22.07 16.90 7.78
C ARG A 183 -21.47 16.72 6.39
N GLU A 184 -22.27 16.30 5.42
CA GLU A 184 -21.83 16.27 4.02
C GLU A 184 -22.17 17.60 3.35
N VAL A 185 -21.16 18.47 3.21
CA VAL A 185 -21.36 19.85 2.80
C VAL A 185 -21.22 19.94 1.29
N PRO A 186 -22.28 20.26 0.55
CA PRO A 186 -22.15 20.38 -0.90
C PRO A 186 -21.65 21.75 -1.28
N HIS A 187 -20.92 21.82 -2.39
CA HIS A 187 -20.51 23.11 -2.92
C HIS A 187 -21.18 23.41 -4.24
N GLN A 188 -22.01 22.50 -4.73
CA GLN A 188 -22.46 22.56 -6.11
C GLN A 188 -23.51 21.50 -6.29
N THR A 189 -24.53 21.78 -7.08
CA THR A 189 -25.29 20.64 -7.56
C THR A 189 -24.62 20.12 -8.81
N ALA A 190 -25.17 19.02 -9.36
CA ALA A 190 -24.76 18.59 -10.69
C ALA A 190 -25.15 19.62 -11.73
N SER A 191 -26.37 20.17 -11.62
CA SER A 191 -26.82 21.21 -12.55
C SER A 191 -25.79 22.33 -12.64
N ASP A 192 -25.38 22.88 -11.50
CA ASP A 192 -24.39 23.97 -11.53
C ASP A 192 -23.11 23.50 -12.20
N PHE A 193 -22.73 22.24 -11.99
CA PHE A 193 -21.51 21.74 -12.61
C PHE A 193 -21.64 21.71 -14.14
N VAL A 194 -22.68 21.06 -14.64
CA VAL A 194 -22.91 21.01 -16.09
C VAL A 194 -23.07 22.42 -16.64
N ARG A 195 -23.78 23.27 -15.91
CA ARG A 195 -24.01 24.64 -16.36
C ARG A 195 -22.69 25.35 -16.59
N ASP A 196 -21.74 25.21 -15.66
CA ASP A 196 -20.48 25.93 -15.69
C ASP A 196 -19.39 25.21 -16.49
N SER A 197 -19.70 24.06 -17.09
CA SER A 197 -18.69 23.25 -17.75
C SER A 197 -18.89 23.15 -19.26
N VAL A 198 -19.78 23.96 -19.84
CA VAL A 198 -20.02 23.89 -21.28
C VAL A 198 -18.82 24.42 -22.07
N ALA A 199 -17.85 25.05 -21.40
CA ALA A 199 -16.58 25.37 -22.04
C ALA A 199 -15.62 24.17 -22.00
N SER A 200 -15.36 23.64 -20.80
CA SER A 200 -14.47 22.48 -20.64
C SER A 200 -14.93 21.26 -21.44
N HIS A 201 -16.21 21.15 -21.79
CA HIS A 201 -16.66 19.95 -22.47
C HIS A 201 -16.11 19.89 -23.89
N ARG A 202 -16.26 20.99 -24.65
CA ARG A 202 -15.76 20.99 -26.02
C ARG A 202 -14.24 21.22 -26.08
N ALA A 203 -13.63 21.70 -24.99
CA ALA A 203 -12.18 21.90 -24.93
C ALA A 203 -11.40 20.67 -24.46
N GLU A 204 -11.93 19.92 -23.49
CA GLU A 204 -11.33 18.66 -23.07
C GLU A 204 -12.42 17.61 -22.87
N PRO A 205 -12.92 17.02 -23.96
CA PRO A 205 -14.04 16.07 -23.84
C PRO A 205 -13.71 14.82 -23.04
N GLU A 206 -12.58 14.17 -23.36
CA GLU A 206 -12.19 12.96 -22.67
C GLU A 206 -12.11 13.18 -21.15
N VAL A 207 -11.47 14.26 -20.71
CA VAL A 207 -11.45 14.59 -19.29
C VAL A 207 -12.86 14.74 -18.77
N TYR A 208 -13.66 15.58 -19.44
CA TYR A 208 -15.01 15.86 -18.96
C TYR A 208 -15.89 14.64 -19.03
N GLU A 209 -15.88 13.94 -20.17
CA GLU A 209 -16.76 12.78 -20.32
C GLU A 209 -16.37 11.64 -19.38
N ARG A 210 -15.11 11.57 -18.94
CA ARG A 210 -14.76 10.61 -17.90
C ARG A 210 -15.39 11.00 -16.57
N ARG A 211 -15.39 12.29 -16.25
CA ARG A 211 -16.03 12.75 -15.02
C ARG A 211 -17.52 12.40 -15.00
N VAL A 212 -18.21 12.62 -16.13
CA VAL A 212 -19.59 12.20 -16.29
C VAL A 212 -19.76 10.72 -15.93
N CYS A 213 -18.95 9.85 -16.54
CA CYS A 213 -19.04 8.43 -16.24
C CYS A 213 -18.88 8.18 -14.74
N PHE A 214 -18.02 8.95 -14.11
CA PHE A 214 -17.84 8.78 -12.69
C PHE A 214 -19.09 9.23 -11.94
N LEU A 215 -19.56 10.45 -12.22
CA LEU A 215 -20.82 10.90 -11.61
C LEU A 215 -21.94 9.90 -11.86
N LEU A 216 -21.99 9.33 -13.05
CA LEU A 216 -23.05 8.37 -13.34
C LEU A 216 -22.86 7.08 -12.57
N LEU A 217 -21.62 6.66 -12.36
CA LEU A 217 -21.36 5.42 -11.65
C LEU A 217 -21.75 5.57 -10.18
N GLN A 218 -21.47 6.71 -9.58
CA GLN A 218 -21.87 6.90 -8.19
C GLN A 218 -23.38 6.98 -8.10
N LEU A 219 -24.00 7.69 -9.05
CA LEU A 219 -25.46 7.74 -9.12
C LEU A 219 -26.07 6.36 -9.12
N CYS A 220 -25.44 5.39 -9.81
CA CYS A 220 -26.00 4.05 -9.83
C CYS A 220 -25.79 3.32 -8.51
N ASN A 221 -24.67 3.59 -7.84
CA ASN A 221 -24.49 2.98 -6.52
C ASN A 221 -25.65 3.35 -5.60
N GLY A 222 -26.00 4.64 -5.55
CA GLY A 222 -27.09 5.05 -4.69
C GLY A 222 -28.42 4.47 -5.12
N LEU A 223 -28.74 4.57 -6.42
CA LEU A 223 -30.01 4.05 -6.91
C LEU A 223 -30.15 2.56 -6.60
N GLU A 224 -29.14 1.76 -6.92
CA GLU A 224 -29.26 0.34 -6.63
C GLU A 224 -29.35 0.08 -5.13
N HIS A 225 -28.94 1.02 -4.30
CA HIS A 225 -29.21 0.93 -2.86
C HIS A 225 -30.67 1.29 -2.56
N LEU A 226 -31.21 2.30 -3.24
CA LEU A 226 -32.63 2.63 -3.05
C LEU A 226 -33.54 1.50 -3.55
N LYS A 227 -33.06 0.63 -4.43
CA LYS A 227 -33.90 -0.50 -4.82
C LYS A 227 -33.85 -1.63 -3.79
N GLU A 228 -32.64 -2.03 -3.35
CA GLU A 228 -32.50 -2.96 -2.22
C GLU A 228 -33.38 -2.63 -1.03
N HIS A 229 -33.90 -1.41 -0.96
CA HIS A 229 -34.79 -1.01 0.12
C HIS A 229 -36.12 -0.46 -0.41
N GLY A 230 -36.41 -0.75 -1.67
CA GLY A 230 -37.75 -0.50 -2.18
C GLY A 230 -38.15 0.94 -2.39
N ILE A 231 -37.19 1.86 -2.50
CA ILE A 231 -37.49 3.26 -2.80
C ILE A 231 -37.36 3.51 -4.29
N ILE A 232 -38.24 4.33 -4.83
CA ILE A 232 -38.05 4.95 -6.13
C ILE A 232 -38.02 6.46 -5.90
N HIS A 233 -36.97 7.10 -6.42
CA HIS A 233 -36.79 8.53 -6.17
C HIS A 233 -37.80 9.36 -6.96
N ARG A 234 -37.91 9.11 -8.27
CA ARG A 234 -38.87 9.72 -9.19
C ARG A 234 -38.67 11.20 -9.43
N ASP A 235 -37.58 11.81 -8.91
CA ASP A 235 -37.27 13.19 -9.24
C ASP A 235 -35.76 13.38 -9.39
N LEU A 236 -35.14 12.56 -10.23
CA LEU A 236 -33.71 12.68 -10.52
C LEU A 236 -33.51 13.69 -11.63
N CYS A 237 -33.27 14.93 -11.24
CA CYS A 237 -32.73 15.95 -12.12
C CYS A 237 -31.39 16.39 -11.56
N LEU A 238 -30.64 17.09 -12.40
CA LEU A 238 -29.28 17.46 -12.01
C LEU A 238 -29.27 18.37 -10.78
N GLU A 239 -30.33 19.15 -10.56
CA GLU A 239 -30.41 20.05 -9.42
C GLU A 239 -30.59 19.32 -8.09
N ASN A 240 -30.87 18.00 -8.13
CA ASN A 240 -31.07 17.23 -6.90
C ASN A 240 -29.86 16.38 -6.52
N LEU A 241 -28.83 16.32 -7.37
CA LEU A 241 -27.63 15.53 -7.10
C LEU A 241 -26.52 16.48 -6.64
N LEU A 242 -26.13 16.38 -5.39
CA LEU A 242 -25.14 17.27 -4.83
C LEU A 242 -23.75 16.73 -5.09
N LEU A 243 -22.78 17.65 -5.16
CA LEU A 243 -21.38 17.29 -5.29
C LEU A 243 -20.67 17.77 -4.05
N VAL A 244 -19.86 16.89 -3.45
CA VAL A 244 -19.21 17.14 -2.18
C VAL A 244 -17.73 16.84 -2.34
N HIS A 245 -16.88 17.74 -1.84
CA HIS A 245 -15.45 17.45 -1.79
C HIS A 245 -15.20 16.24 -0.88
N CYS A 246 -14.26 15.37 -1.29
CA CYS A 246 -13.83 14.31 -0.39
C CYS A 246 -12.44 13.84 -0.75
N ASN A 247 -11.67 13.42 0.31
CA ASN A 247 -10.42 12.66 0.21
C ASN A 247 -9.92 12.10 1.55
N PRO A 248 -10.75 11.34 2.32
CA PRO A 248 -10.06 10.68 3.43
C PRO A 248 -9.14 9.55 2.94
N HIS A 286 -9.93 16.63 -9.23
CA HIS A 286 -10.32 15.81 -8.07
C HIS A 286 -11.82 15.45 -8.02
N LEU A 287 -12.13 14.17 -8.01
CA LEU A 287 -13.51 13.73 -8.26
C LEU A 287 -14.36 13.92 -7.00
N PRO A 288 -15.56 14.49 -7.12
CA PRO A 288 -16.41 14.68 -5.95
C PRO A 288 -17.28 13.48 -5.61
N ARG A 289 -17.85 13.54 -4.40
CA ARG A 289 -18.84 12.58 -3.94
C ARG A 289 -20.24 13.06 -4.37
N LEU A 290 -20.96 12.24 -5.12
CA LEU A 290 -22.30 12.60 -5.60
C LEU A 290 -23.36 12.09 -4.63
N ILE A 291 -24.20 12.99 -4.12
CA ILE A 291 -25.11 12.64 -3.03
C ILE A 291 -26.55 12.86 -3.48
N ILE A 292 -27.27 11.77 -3.76
CA ILE A 292 -28.67 11.88 -4.14
C ILE A 292 -29.46 12.45 -2.97
N SER A 293 -30.27 13.47 -3.25
CA SER A 293 -31.03 14.18 -2.23
C SER A 293 -32.43 14.48 -2.72
N ASN A 294 -33.21 15.13 -1.87
CA ASN A 294 -34.58 15.56 -2.18
C ASN A 294 -35.46 14.35 -2.46
N PHE A 295 -36.03 13.80 -1.39
CA PHE A 295 -36.82 12.57 -1.44
C PHE A 295 -38.32 12.83 -1.29
N LEU A 296 -38.77 14.00 -1.74
CA LEU A 296 -40.13 14.45 -1.43
C LEU A 296 -41.19 13.88 -2.35
N LYS A 297 -40.81 13.27 -3.47
CA LYS A 297 -41.76 12.61 -4.36
C LYS A 297 -41.52 11.11 -4.44
N ALA A 298 -40.84 10.55 -3.44
CA ALA A 298 -40.42 9.16 -3.48
C ALA A 298 -41.60 8.21 -3.20
N LYS A 299 -41.37 6.94 -3.53
CA LYS A 299 -42.29 5.83 -3.30
C LYS A 299 -41.62 4.82 -2.38
N GLN A 300 -42.40 3.94 -1.75
CA GLN A 300 -41.79 2.82 -1.03
C GLN A 300 -42.79 1.67 -0.90
N LYS A 301 -42.25 0.46 -0.98
CA LYS A 301 -43.04 -0.77 -0.91
C LYS A 301 -43.11 -1.25 0.54
N GLN A 314 -53.62 5.36 6.26
CA GLN A 314 -54.03 3.95 6.30
C GLN A 314 -53.81 3.23 4.98
N ALA A 315 -54.53 2.13 4.80
CA ALA A 315 -54.48 1.30 3.61
C ALA A 315 -55.86 1.16 2.99
N ARG A 316 -56.61 2.26 2.92
CA ARG A 316 -57.85 2.39 2.17
C ARG A 316 -57.60 2.62 0.67
N LEU A 317 -56.36 2.41 0.21
CA LEU A 317 -55.94 2.61 -1.17
C LEU A 317 -56.11 1.33 -1.99
N ALA A 318 -56.25 1.52 -3.31
CA ALA A 318 -56.44 0.40 -4.24
C ALA A 318 -55.16 -0.44 -4.32
N PRO A 319 -55.23 -1.64 -4.92
CA PRO A 319 -54.00 -2.44 -5.06
C PRO A 319 -53.07 -1.90 -6.14
N GLU A 320 -53.64 -1.33 -7.20
CA GLU A 320 -52.89 -0.71 -8.28
C GLU A 320 -51.89 0.34 -7.77
N ILE A 321 -52.23 1.05 -6.70
CA ILE A 321 -51.43 2.18 -6.24
C ILE A 321 -50.48 1.79 -5.12
N VAL A 322 -50.89 0.86 -4.24
CA VAL A 322 -50.03 0.46 -3.14
C VAL A 322 -48.74 -0.20 -3.66
N SER A 323 -48.87 -1.13 -4.62
CA SER A 323 -47.69 -1.80 -5.15
C SER A 323 -46.85 -0.84 -5.99
N ALA A 324 -45.62 -1.26 -6.27
CA ALA A 324 -44.80 -0.51 -7.21
C ALA A 324 -45.30 -0.77 -8.63
N SER A 325 -45.02 -1.96 -9.16
CA SER A 325 -45.53 -2.39 -10.45
C SER A 325 -45.07 -1.46 -11.59
N GLN A 326 -45.81 -0.38 -11.84
CA GLN A 326 -45.59 0.43 -13.04
C GLN A 326 -44.29 1.22 -12.97
N TYR A 327 -43.79 1.47 -11.76
CA TYR A 327 -42.59 2.28 -11.58
C TYR A 327 -41.32 1.45 -11.46
N ARG A 328 -41.39 0.16 -11.78
CA ARG A 328 -40.26 -0.75 -11.59
C ARG A 328 -38.99 -0.21 -12.24
N LYS A 329 -39.12 0.46 -13.39
CA LYS A 329 -37.96 0.93 -14.13
C LYS A 329 -38.05 2.42 -14.46
N PHE A 330 -38.69 3.19 -13.57
CA PHE A 330 -38.75 4.63 -13.79
C PHE A 330 -37.39 5.29 -13.56
N ASP A 331 -36.64 4.81 -12.57
CA ASP A 331 -35.34 5.40 -12.25
C ASP A 331 -34.34 5.21 -13.38
N GLU A 332 -34.37 4.05 -14.03
CA GLU A 332 -33.60 3.83 -15.25
C GLU A 332 -33.92 4.86 -16.32
N PHE A 333 -35.20 5.17 -16.50
CA PHE A 333 -35.58 6.07 -17.59
C PHE A 333 -35.01 7.48 -17.36
N GLN A 334 -35.03 7.97 -16.11
CA GLN A 334 -34.58 9.33 -15.87
C GLN A 334 -33.06 9.45 -16.01
N THR A 335 -32.34 8.41 -15.56
CA THR A 335 -30.90 8.36 -15.77
C THR A 335 -30.57 8.40 -17.26
N GLY A 336 -31.34 7.65 -18.06
CA GLY A 336 -31.32 7.82 -19.50
C GLY A 336 -31.28 9.30 -19.85
N ILE A 337 -32.30 10.06 -19.44
CA ILE A 337 -32.26 11.49 -19.70
C ILE A 337 -31.05 12.15 -19.06
N LEU A 338 -30.61 11.65 -17.90
CA LEU A 338 -29.53 12.35 -17.22
C LEU A 338 -28.23 12.29 -18.02
N ILE A 339 -28.03 11.27 -18.86
CA ILE A 339 -26.79 11.22 -19.63
C ILE A 339 -26.76 12.32 -20.68
N TYR A 340 -27.90 12.57 -21.34
CA TYR A 340 -27.96 13.68 -22.28
C TYR A 340 -27.65 14.99 -21.58
N GLU A 341 -28.43 15.31 -20.53
CA GLU A 341 -28.26 16.59 -19.85
C GLU A 341 -26.85 16.76 -19.31
N LEU A 342 -26.20 15.66 -18.92
CA LEU A 342 -24.82 15.78 -18.45
C LEU A 342 -23.86 16.06 -19.60
N LEU A 343 -24.11 15.45 -20.77
CA LEU A 343 -23.27 15.72 -21.93
C LEU A 343 -23.76 16.94 -22.71
N HIS A 344 -24.34 17.91 -22.00
CA HIS A 344 -24.70 19.23 -22.55
C HIS A 344 -25.59 19.10 -23.79
N GLN A 345 -26.48 18.11 -23.75
CA GLN A 345 -27.43 17.82 -24.80
C GLN A 345 -28.85 17.93 -24.26
N PRO A 346 -29.81 18.33 -25.09
CA PRO A 346 -31.17 18.51 -24.57
C PRO A 346 -31.85 17.17 -24.36
N ASN A 347 -32.78 17.18 -23.40
CA ASN A 347 -33.63 16.03 -23.13
C ASN A 347 -34.32 15.61 -24.41
N PRO A 348 -34.11 14.36 -24.88
CA PRO A 348 -34.72 13.94 -26.15
C PRO A 348 -36.24 14.07 -26.22
N PHE A 349 -36.94 14.40 -25.13
CA PHE A 349 -38.40 14.41 -25.18
C PHE A 349 -38.92 15.84 -25.18
N GLU A 350 -38.49 16.62 -26.18
CA GLU A 350 -38.85 18.03 -26.27
C GLU A 350 -39.38 18.34 -27.69
N ARG A 361 -32.17 -1.07 -27.59
CA ARG A 361 -31.09 -0.22 -28.05
C ARG A 361 -31.54 0.78 -29.12
N ARG A 362 -32.87 0.86 -29.33
CA ARG A 362 -33.43 1.38 -30.57
C ARG A 362 -32.99 2.82 -30.84
N GLU A 363 -32.68 3.08 -32.12
CA GLU A 363 -32.34 4.43 -32.55
C GLU A 363 -33.62 5.27 -32.63
N ASP A 364 -33.68 6.20 -33.59
CA ASP A 364 -34.67 7.28 -33.66
C ASP A 364 -34.46 8.27 -32.53
N LEU A 365 -33.76 7.84 -31.43
CA LEU A 365 -33.31 8.72 -30.37
C LEU A 365 -32.10 9.52 -30.83
N PRO A 366 -32.02 10.79 -30.47
CA PRO A 366 -30.92 11.60 -30.97
C PRO A 366 -29.60 11.01 -30.54
N PRO A 367 -28.63 10.95 -31.45
CA PRO A 367 -27.29 10.52 -31.04
C PRO A 367 -26.64 11.60 -30.19
N LEU A 368 -25.51 11.21 -29.61
CA LEU A 368 -24.65 12.22 -29.01
C LEU A 368 -23.48 12.49 -29.94
N PRO A 369 -23.04 13.74 -29.99
CA PRO A 369 -21.82 14.05 -30.75
C PRO A 369 -20.64 13.24 -30.26
N THR A 370 -20.06 12.46 -31.16
CA THR A 370 -18.91 11.63 -30.81
C THR A 370 -17.71 12.55 -30.58
N LEU A 371 -17.45 12.88 -29.31
CA LEU A 371 -16.31 13.75 -28.98
C LEU A 371 -15.19 13.06 -28.22
N SER A 372 -15.34 11.78 -27.85
CA SER A 372 -14.32 11.10 -27.07
C SER A 372 -14.54 9.59 -27.13
N LEU A 373 -13.70 8.85 -26.42
CA LEU A 373 -13.85 7.39 -26.30
C LEU A 373 -15.20 7.01 -25.69
N TYR A 374 -15.62 7.74 -24.65
CA TYR A 374 -16.86 7.45 -23.95
C TYR A 374 -18.11 7.89 -24.71
N SER A 375 -17.98 8.79 -25.68
CA SER A 375 -19.18 9.27 -26.35
C SER A 375 -19.93 8.15 -27.05
N PRO A 376 -19.29 7.26 -27.81
CA PRO A 376 -20.03 6.09 -28.31
C PRO A 376 -20.58 5.22 -27.19
N GLY A 377 -19.76 4.90 -26.17
CA GLY A 377 -20.22 4.14 -25.02
C GLY A 377 -21.44 4.77 -24.36
N LEU A 378 -21.28 6.01 -23.92
CA LEU A 378 -22.34 6.75 -23.23
C LEU A 378 -23.61 6.81 -24.07
N GLN A 379 -23.47 6.97 -25.40
CA GLN A 379 -24.66 7.04 -26.23
C GLN A 379 -25.41 5.72 -26.25
N GLN A 380 -24.69 4.60 -26.37
CA GLN A 380 -25.34 3.31 -26.36
C GLN A 380 -26.01 3.04 -25.01
N LEU A 381 -25.38 3.47 -23.93
CA LEU A 381 -26.00 3.28 -22.61
C LEU A 381 -27.30 4.08 -22.48
N ALA A 382 -27.33 5.30 -23.00
CA ALA A 382 -28.56 6.09 -22.90
C ALA A 382 -29.69 5.44 -23.67
N HIS A 383 -29.41 4.95 -24.89
CA HIS A 383 -30.42 4.25 -25.67
C HIS A 383 -31.00 3.07 -24.89
N LEU A 384 -30.17 2.35 -24.15
CA LEU A 384 -30.68 1.19 -23.42
C LEU A 384 -31.46 1.58 -22.18
N LEU A 385 -31.21 2.75 -21.60
CA LEU A 385 -31.98 3.17 -20.43
C LEU A 385 -33.29 3.85 -20.82
N LEU A 386 -33.35 4.44 -22.02
CA LEU A 386 -34.55 5.10 -22.54
C LEU A 386 -35.28 4.20 -23.51
N GLU A 387 -35.42 2.91 -23.22
CA GLU A 387 -36.17 2.03 -24.11
C GLU A 387 -37.65 2.08 -23.73
N ALA A 388 -38.51 1.92 -24.76
CA ALA A 388 -39.93 2.20 -24.65
C ALA A 388 -40.63 1.39 -23.55
N ASP A 389 -40.41 0.07 -23.51
CA ASP A 389 -41.11 -0.82 -22.59
C ASP A 389 -40.22 -1.26 -21.44
N PRO A 390 -40.71 -1.18 -20.20
CA PRO A 390 -39.91 -1.60 -19.04
C PRO A 390 -39.27 -2.98 -19.13
N ILE A 391 -39.83 -3.90 -19.92
CA ILE A 391 -39.20 -5.22 -20.07
C ILE A 391 -37.83 -5.08 -20.71
N LYS A 392 -37.76 -4.40 -21.87
CA LYS A 392 -36.49 -4.29 -22.57
C LYS A 392 -35.52 -3.28 -21.93
N ARG A 393 -36.01 -2.33 -21.14
CA ARG A 393 -35.11 -1.42 -20.43
C ARG A 393 -34.15 -2.20 -19.56
N ILE A 394 -32.86 -1.75 -19.48
CA ILE A 394 -31.87 -2.48 -18.67
C ILE A 394 -31.97 -2.03 -17.22
N ARG A 395 -31.72 -2.95 -16.31
CA ARG A 395 -31.72 -2.57 -14.90
C ARG A 395 -30.54 -1.64 -14.60
N ILE A 396 -30.67 -0.90 -13.49
CA ILE A 396 -29.65 0.07 -13.12
C ILE A 396 -28.32 -0.61 -12.83
N GLY A 397 -28.35 -1.87 -12.40
CA GLY A 397 -27.12 -2.59 -12.16
C GLY A 397 -26.39 -2.95 -13.45
N GLU A 398 -27.14 -3.21 -14.53
CA GLU A 398 -26.49 -3.41 -15.82
C GLU A 398 -25.79 -2.13 -16.26
N ALA A 399 -26.40 -0.99 -16.01
CA ALA A 399 -25.78 0.29 -16.35
C ALA A 399 -24.52 0.52 -15.53
N LYS A 400 -24.58 0.26 -14.22
CA LYS A 400 -23.38 0.37 -13.40
C LYS A 400 -22.24 -0.42 -14.04
N ARG A 401 -22.49 -1.69 -14.38
CA ARG A 401 -21.41 -2.49 -14.95
C ARG A 401 -20.93 -1.93 -16.29
N VAL A 402 -21.85 -1.44 -17.13
CA VAL A 402 -21.41 -0.91 -18.41
C VAL A 402 -20.52 0.31 -18.20
N LEU A 403 -20.86 1.13 -17.21
CA LEU A 403 -19.99 2.26 -16.88
C LEU A 403 -18.66 1.78 -16.32
N GLN A 404 -18.65 0.73 -15.51
CA GLN A 404 -17.39 0.23 -15.00
C GLN A 404 -16.49 -0.17 -16.15
N CYS A 405 -17.08 -0.77 -17.17
CA CYS A 405 -16.32 -1.22 -18.32
C CYS A 405 -15.90 -0.06 -19.21
N LEU A 406 -16.78 0.93 -19.42
CA LEU A 406 -16.36 2.16 -20.09
C LEU A 406 -15.18 2.81 -19.39
N LEU A 407 -15.16 2.76 -18.05
CA LEU A 407 -14.19 3.51 -17.26
C LEU A 407 -12.87 2.78 -17.15
N TRP A 408 -12.91 1.45 -17.10
CA TRP A 408 -11.73 0.66 -16.82
C TRP A 408 -11.54 -0.53 -17.75
N GLY A 409 -12.44 -0.73 -18.72
CA GLY A 409 -12.29 -1.83 -19.64
C GLY A 409 -12.90 -3.12 -19.13
N PRO A 410 -12.62 -4.25 -19.81
CA PRO A 410 -11.80 -4.47 -21.02
C PRO A 410 -12.28 -3.63 -22.21
N ARG A 411 -11.39 -3.35 -23.17
CA ARG A 411 -11.82 -2.49 -24.27
C ARG A 411 -11.76 -3.18 -25.63
N ARG A 412 -11.78 -2.39 -26.70
CA ARG A 412 -11.89 -2.93 -28.04
C ARG A 412 -10.74 -3.89 -28.33
N GLU A 413 -9.51 -3.41 -28.14
CA GLU A 413 -8.28 -4.18 -28.33
C GLU A 413 -8.47 -5.65 -28.02
N LEU A 414 -8.79 -5.94 -26.75
CA LEU A 414 -8.83 -7.30 -26.24
C LEU A 414 -9.93 -8.15 -26.91
N VAL A 415 -11.07 -7.55 -27.25
CA VAL A 415 -12.21 -8.37 -27.67
C VAL A 415 -12.23 -8.71 -29.15
N GLU A 416 -11.47 -8.00 -29.99
CA GLU A 416 -11.44 -8.28 -31.42
C GLU A 416 -10.22 -9.09 -31.85
N GLN A 417 -9.33 -9.45 -30.92
CA GLN A 417 -8.34 -10.48 -31.22
C GLN A 417 -9.03 -11.77 -31.68
N PRO A 418 -8.35 -12.58 -32.50
CA PRO A 418 -8.97 -13.82 -32.98
C PRO A 418 -9.29 -14.76 -31.82
N CYS A 419 -10.52 -15.25 -31.81
CA CYS A 419 -11.03 -16.23 -30.88
C CYS A 419 -11.76 -17.32 -31.65
N PRO A 420 -11.55 -18.59 -31.31
CA PRO A 420 -12.39 -19.65 -31.89
C PRO A 420 -13.78 -19.75 -31.25
N SER A 421 -14.04 -19.03 -30.14
CA SER A 421 -15.27 -19.20 -29.38
C SER A 421 -15.40 -18.21 -28.23
N GLU A 422 -16.63 -17.91 -27.81
CA GLU A 422 -16.81 -17.03 -26.66
C GLU A 422 -16.26 -17.65 -25.38
N GLU A 423 -16.20 -18.98 -25.30
CA GLU A 423 -15.59 -19.60 -24.12
C GLU A 423 -14.12 -19.24 -24.00
N VAL A 424 -13.37 -19.32 -25.10
CA VAL A 424 -12.00 -18.83 -25.10
C VAL A 424 -11.95 -17.37 -24.66
N LEU A 425 -12.85 -16.53 -25.18
CA LEU A 425 -12.88 -15.13 -24.75
C LEU A 425 -13.10 -15.00 -23.24
N CYS A 426 -13.97 -15.83 -22.66
CA CYS A 426 -14.17 -15.78 -21.20
C CYS A 426 -12.91 -16.17 -20.46
N ASN A 427 -12.26 -17.27 -20.88
CA ASN A 427 -10.95 -17.61 -20.31
C ASN A 427 -10.00 -16.42 -20.36
N THR A 428 -9.89 -15.78 -21.53
CA THR A 428 -9.09 -14.58 -21.62
C THR A 428 -9.54 -13.54 -20.61
N LEU A 429 -10.86 -13.31 -20.51
CA LEU A 429 -11.35 -12.32 -19.56
C LEU A 429 -11.03 -12.71 -18.11
N HIS A 430 -11.08 -14.01 -17.81
CA HIS A 430 -10.56 -14.48 -16.54
C HIS A 430 -9.16 -13.96 -16.28
N ASN A 431 -8.24 -14.20 -17.22
CA ASN A 431 -6.86 -13.74 -17.03
C ASN A 431 -6.81 -12.23 -16.84
N TRP A 432 -7.64 -11.49 -17.58
CA TRP A 432 -7.66 -10.04 -17.45
C TRP A 432 -8.02 -9.61 -16.04
N ILE A 433 -9.10 -10.19 -15.49
CA ILE A 433 -9.47 -9.88 -14.12
C ILE A 433 -8.32 -10.19 -13.18
N ASP A 434 -7.58 -11.29 -13.43
CA ASP A 434 -6.49 -11.62 -12.55
C ASP A 434 -5.36 -10.61 -12.68
N MET A 435 -5.17 -10.09 -13.89
CA MET A 435 -4.10 -9.15 -14.15
C MET A 435 -4.42 -7.75 -13.60
N LYS A 436 -5.66 -7.26 -13.76
CA LYS A 436 -6.01 -5.98 -13.17
C LYS A 436 -5.99 -6.04 -11.64
N ARG A 437 -6.40 -7.16 -11.06
CA ARG A 437 -6.36 -7.28 -9.62
C ARG A 437 -4.92 -7.23 -9.12
N ALA A 438 -3.98 -7.75 -9.90
CA ALA A 438 -2.62 -7.83 -9.39
C ALA A 438 -1.95 -6.48 -9.50
N LEU A 439 -2.20 -5.75 -10.60
CA LEU A 439 -1.71 -4.39 -10.71
C LEU A 439 -2.29 -3.51 -9.62
N MET A 440 -3.58 -3.66 -9.34
CA MET A 440 -4.18 -2.89 -8.26
C MET A 440 -3.58 -3.26 -6.91
N MET A 441 -3.39 -4.57 -6.65
CA MET A 441 -2.74 -4.96 -5.39
C MET A 441 -1.37 -4.33 -5.33
N MET A 442 -0.74 -4.20 -6.49
CA MET A 442 0.59 -3.58 -6.55
C MET A 442 0.49 -2.09 -6.25
N LYS A 443 -0.53 -1.43 -6.80
CA LYS A 443 -0.72 0.00 -6.63
C LYS A 443 -0.84 0.39 -5.16
N PHE A 444 -1.63 -0.37 -4.40
CA PHE A 444 -1.76 -0.08 -2.98
C PHE A 444 -0.48 -0.42 -2.22
N ALA A 445 0.25 -1.47 -2.64
CA ALA A 445 1.43 -1.85 -1.86
C ALA A 445 2.48 -0.76 -1.93
N GLU A 446 2.65 -0.12 -3.09
CA GLU A 446 3.61 0.95 -3.18
C GLU A 446 3.10 2.20 -2.49
N LYS A 447 1.82 2.22 -2.16
CA LYS A 447 1.22 3.32 -1.42
C LYS A 447 1.53 3.22 0.06
N ALA A 448 1.74 1.99 0.56
CA ALA A 448 1.94 1.77 1.99
C ALA A 448 3.19 2.43 2.50
N VAL A 449 4.16 2.62 1.62
CA VAL A 449 5.49 2.95 2.08
C VAL A 449 5.80 4.34 1.53
N GLU A 450 4.77 5.16 1.41
CA GLU A 450 4.96 6.57 1.12
C GLU A 450 4.57 7.40 2.33
N ARG A 451 5.03 8.66 2.33
CA ARG A 451 4.77 9.56 3.46
C ARG A 451 3.39 10.18 3.37
N ARG A 452 2.60 9.79 2.37
CA ARG A 452 1.33 10.41 2.07
C ARG A 452 0.17 9.52 2.51
N ARG A 453 0.14 8.28 2.04
CA ARG A 453 -0.84 7.27 2.47
C ARG A 453 -2.26 7.82 2.45
N GLY A 454 -2.71 8.13 1.25
CA GLY A 454 -4.08 8.55 1.04
C GLY A 454 -4.73 7.73 -0.06
N VAL A 455 -5.97 7.29 0.21
CA VAL A 455 -6.78 6.55 -0.76
C VAL A 455 -7.74 7.52 -1.46
N GLU A 456 -7.74 7.49 -2.79
CA GLU A 456 -8.58 8.36 -3.61
C GLU A 456 -9.94 7.69 -3.90
N LEU A 457 -10.99 8.50 -4.00
CA LEU A 457 -12.30 7.93 -4.29
C LEU A 457 -12.27 7.08 -5.56
N GLU A 458 -11.47 7.48 -6.57
CA GLU A 458 -11.43 6.72 -7.83
C GLU A 458 -10.93 5.30 -7.60
N ASP A 459 -9.93 5.14 -6.73
CA ASP A 459 -9.40 3.80 -6.49
C ASP A 459 -10.45 2.91 -5.82
N TRP A 460 -11.10 3.43 -4.78
CA TRP A 460 -12.15 2.68 -4.09
C TRP A 460 -13.18 2.17 -5.09
N LEU A 461 -13.76 3.07 -5.88
CA LEU A 461 -14.67 2.67 -6.96
C LEU A 461 -14.02 1.62 -7.85
N CYS A 462 -12.80 1.87 -8.30
CA CYS A 462 -12.14 0.89 -9.15
C CYS A 462 -12.00 -0.44 -8.45
N CYS A 463 -11.67 -0.41 -7.14
CA CYS A 463 -11.60 -1.65 -6.37
C CYS A 463 -12.94 -2.34 -6.31
N GLN A 464 -14.03 -1.59 -6.12
CA GLN A 464 -15.28 -2.32 -6.07
C GLN A 464 -15.63 -2.93 -7.43
N TYR A 465 -15.04 -2.46 -8.53
CA TYR A 465 -15.22 -3.14 -9.80
C TYR A 465 -14.43 -4.44 -9.85
N LEU A 466 -13.13 -4.38 -9.56
CA LEU A 466 -12.28 -5.56 -9.76
C LEU A 466 -12.60 -6.68 -8.77
N ALA A 467 -13.16 -6.33 -7.62
CA ALA A 467 -13.56 -7.38 -6.69
C ALA A 467 -14.85 -8.07 -7.11
N SER A 468 -15.75 -7.36 -7.78
CA SER A 468 -17.06 -7.91 -8.11
C SER A 468 -17.12 -8.49 -9.51
N ALA A 469 -16.03 -8.40 -10.28
CA ALA A 469 -16.05 -8.73 -11.69
C ALA A 469 -15.89 -10.22 -11.90
N GLU A 470 -16.76 -10.82 -12.71
CA GLU A 470 -16.58 -12.19 -13.18
C GLU A 470 -16.72 -12.24 -14.70
N PRO A 471 -16.04 -13.20 -15.36
CA PRO A 471 -15.93 -13.11 -16.83
C PRO A 471 -17.26 -13.16 -17.56
N GLY A 472 -18.23 -13.96 -17.10
CA GLY A 472 -19.54 -13.93 -17.72
C GLY A 472 -20.21 -12.57 -17.59
N ALA A 473 -19.99 -11.92 -16.44
CA ALA A 473 -20.54 -10.58 -16.27
C ALA A 473 -19.93 -9.61 -17.28
N LEU A 474 -18.60 -9.59 -17.38
CA LEU A 474 -17.94 -8.66 -18.31
C LEU A 474 -18.43 -8.90 -19.73
N LEU A 475 -18.63 -10.16 -20.09
CA LEU A 475 -19.03 -10.46 -21.45
C LEU A 475 -20.39 -9.86 -21.77
N GLN A 476 -21.30 -9.83 -20.79
CA GLN A 476 -22.60 -9.21 -21.06
C GLN A 476 -22.45 -7.71 -21.25
N SER A 477 -21.67 -7.07 -20.38
CA SER A 477 -21.44 -5.65 -20.54
C SER A 477 -20.74 -5.35 -21.84
N LEU A 478 -19.82 -6.23 -22.26
CA LEU A 478 -19.15 -6.04 -23.55
C LEU A 478 -20.15 -6.03 -24.70
N LYS A 479 -21.15 -6.89 -24.66
CA LYS A 479 -22.06 -6.94 -25.80
C LYS A 479 -23.28 -6.03 -25.64
N LEU A 480 -23.49 -5.41 -24.48
CA LEU A 480 -24.40 -4.27 -24.45
C LEU A 480 -23.74 -3.07 -25.13
N LEU A 481 -22.51 -2.73 -24.71
CA LEU A 481 -21.73 -1.72 -25.39
C LEU A 481 -21.51 -2.03 -26.85
N GLN A 482 -21.86 -3.23 -27.28
CA GLN A 482 -21.77 -3.66 -28.67
C GLN A 482 -20.34 -3.56 -29.21
N LEU A 483 -19.35 -3.75 -28.31
CA LEU A 483 -18.02 -4.20 -28.68
C LEU A 483 -18.02 -5.68 -29.10
N LEU A 484 -19.18 -6.33 -29.10
CA LEU A 484 -19.37 -7.68 -29.61
C LEU A 484 -20.51 -7.72 -30.62
N LEU B 25 3.79 1.79 -22.57
CA LEU B 25 3.11 1.49 -21.32
C LEU B 25 3.52 0.12 -20.77
N GLN B 26 3.47 0.00 -19.45
CA GLN B 26 3.71 -1.28 -18.78
C GLN B 26 2.70 -2.34 -19.22
N LEU B 27 1.59 -1.94 -19.82
CA LEU B 27 0.40 -2.76 -20.07
C LEU B 27 0.33 -3.40 -21.44
N HIS B 28 0.94 -2.79 -22.48
CA HIS B 28 0.85 -3.34 -23.83
C HIS B 28 1.36 -4.78 -23.87
N SER B 29 2.49 -5.06 -23.23
CA SER B 29 3.02 -6.42 -23.15
C SER B 29 1.98 -7.37 -22.58
N LEU B 30 1.27 -6.95 -21.53
CA LEU B 30 0.33 -7.83 -20.84
C LEU B 30 -0.89 -8.14 -21.69
N LEU B 31 -1.44 -7.12 -22.37
CA LEU B 31 -2.60 -7.34 -23.23
C LEU B 31 -2.27 -8.12 -24.50
N SER B 32 -1.01 -8.15 -24.93
CA SER B 32 -0.65 -8.98 -26.07
C SER B 32 -0.83 -10.47 -25.77
N SER B 33 -0.39 -10.90 -24.59
CA SER B 33 -0.38 -12.29 -24.23
C SER B 33 -1.55 -12.67 -23.33
N ILE B 34 -2.50 -11.75 -23.09
CA ILE B 34 -3.56 -11.99 -22.09
C ILE B 34 -4.45 -13.18 -22.47
N SER B 35 -4.40 -13.62 -23.73
CA SER B 35 -5.06 -14.86 -24.14
C SER B 35 -4.38 -16.09 -23.55
N SER B 36 -3.20 -15.96 -22.98
CA SER B 36 -2.42 -17.08 -22.48
C SER B 36 -2.28 -16.98 -20.97
N LYS B 37 -2.78 -17.97 -20.25
CA LYS B 37 -2.60 -17.96 -18.81
C LYS B 37 -1.12 -18.04 -18.44
N GLU B 38 -0.36 -18.91 -19.11
CA GLU B 38 1.07 -19.01 -18.78
C GLU B 38 1.78 -17.71 -19.09
N GLY B 39 1.38 -17.03 -20.16
CA GLY B 39 2.08 -15.83 -20.56
C GLY B 39 1.88 -14.68 -19.60
N THR B 40 0.65 -14.50 -19.11
CA THR B 40 0.41 -13.35 -18.25
C THR B 40 0.76 -13.61 -16.80
N TYR B 41 0.73 -14.86 -16.35
CA TYR B 41 1.30 -15.16 -15.05
C TYR B 41 2.81 -14.99 -15.06
N ALA B 42 3.47 -15.29 -16.18
CA ALA B 42 4.89 -14.99 -16.32
C ALA B 42 5.16 -13.48 -16.19
N LYS B 43 4.42 -12.67 -16.94
CA LYS B 43 4.67 -11.24 -16.88
C LYS B 43 4.25 -10.67 -15.53
N LEU B 44 3.11 -11.10 -14.98
CA LEU B 44 2.78 -10.72 -13.61
C LEU B 44 3.92 -11.03 -12.65
N GLY B 45 4.60 -12.16 -12.84
CA GLY B 45 5.67 -12.51 -11.93
C GLY B 45 6.82 -11.53 -11.99
N GLY B 46 7.22 -11.14 -13.20
CA GLY B 46 8.37 -10.28 -13.36
C GLY B 46 8.12 -8.85 -12.93
N LEU B 47 6.88 -8.39 -13.06
CA LEU B 47 6.55 -7.07 -12.55
C LEU B 47 6.44 -7.06 -11.04
N TYR B 48 6.00 -8.18 -10.44
CA TYR B 48 5.98 -8.24 -8.99
C TYR B 48 7.39 -8.09 -8.45
N THR B 49 8.37 -8.55 -9.23
CA THR B 49 9.76 -8.34 -8.86
C THR B 49 10.13 -6.86 -8.92
N GLN B 50 9.96 -6.25 -10.10
CA GLN B 50 10.23 -4.82 -10.21
C GLN B 50 9.57 -4.01 -9.10
N SER B 51 8.29 -4.29 -8.80
CA SER B 51 7.64 -3.51 -7.74
C SER B 51 8.33 -3.70 -6.39
N LEU B 52 8.74 -4.94 -6.07
CA LEU B 52 9.41 -5.15 -4.80
C LEU B 52 10.73 -4.39 -4.72
N ALA B 53 11.46 -4.32 -5.84
CA ALA B 53 12.62 -3.45 -5.91
C ALA B 53 12.26 -2.00 -5.56
N ARG B 54 11.27 -1.42 -6.25
CA ARG B 54 10.83 -0.08 -5.88
C ARG B 54 10.51 0.00 -4.40
N LEU B 55 9.83 -1.01 -3.87
CA LEU B 55 9.44 -1.01 -2.47
C LEU B 55 10.68 -1.04 -1.57
N VAL B 56 11.73 -1.76 -1.97
CA VAL B 56 13.00 -1.64 -1.25
C VAL B 56 13.48 -0.20 -1.25
N THR B 57 13.49 0.44 -2.42
CA THR B 57 14.02 1.80 -2.55
C THR B 57 13.26 2.79 -1.67
N LYS B 58 11.93 2.81 -1.81
CA LYS B 58 11.10 3.67 -0.96
C LYS B 58 11.36 3.38 0.51
N CYS B 59 11.41 2.11 0.88
CA CYS B 59 11.63 1.73 2.27
C CYS B 59 12.87 2.40 2.81
N GLU B 60 13.97 2.32 2.06
CA GLU B 60 15.20 3.00 2.44
C GLU B 60 14.95 4.48 2.77
N ASP B 61 14.37 5.24 1.81
CA ASP B 61 14.05 6.65 2.05
C ASP B 61 13.25 6.85 3.33
N LEU B 62 12.37 5.91 3.66
CA LEU B 62 11.60 6.01 4.89
C LEU B 62 12.50 5.94 6.12
N PHE B 63 13.41 4.98 6.17
CA PHE B 63 14.24 4.73 7.35
C PHE B 63 15.49 5.58 7.41
N MET B 64 15.93 6.16 6.31
CA MET B 64 17.19 6.90 6.33
C MET B 64 17.05 8.32 6.85
N GLY B 65 15.87 8.70 7.35
CA GLY B 65 15.58 10.11 7.57
C GLY B 65 15.48 10.83 6.23
N GLY B 66 15.26 12.14 6.31
CA GLY B 66 15.10 12.92 5.11
C GLY B 66 16.33 13.76 4.80
N LEU B 67 16.18 15.08 4.88
CA LEU B 67 17.34 15.95 4.82
C LEU B 67 18.13 15.86 6.13
N LYS B 68 19.45 15.95 6.01
CA LYS B 68 20.31 15.93 7.18
C LYS B 68 21.23 17.14 7.14
N THR B 69 21.09 18.02 8.13
CA THR B 69 22.03 19.12 8.29
C THR B 69 23.29 18.64 9.01
N GLU B 70 24.39 19.36 8.78
CA GLU B 70 25.55 19.24 9.62
C GLU B 70 25.64 20.48 10.49
N LEU B 71 25.99 20.28 11.76
CA LEU B 71 26.16 21.39 12.67
C LEU B 71 27.62 21.79 12.70
N PHE B 81 27.37 26.09 23.09
CA PHE B 81 26.12 25.42 23.47
C PHE B 81 26.39 24.15 24.30
N LYS B 82 25.49 23.87 25.24
CA LYS B 82 25.53 22.66 26.06
C LYS B 82 24.15 22.01 26.10
N LEU B 83 24.10 20.68 26.11
CA LEU B 83 22.80 20.03 26.06
C LEU B 83 22.20 19.93 27.47
N ILE B 84 22.53 18.98 28.35
CA ILE B 84 22.73 17.54 28.23
C ILE B 84 21.75 16.98 29.25
N CYS B 85 21.57 15.65 29.32
CA CYS B 85 20.58 15.10 30.25
C CYS B 85 20.99 13.69 30.72
N ASN B 86 21.49 13.61 31.97
CA ASN B 86 21.51 12.42 32.85
C ASN B 86 22.86 11.71 33.02
N LYS B 87 22.85 10.40 32.77
CA LYS B 87 23.93 9.46 33.06
C LYS B 87 23.98 8.45 31.93
N PRO B 88 25.10 7.72 31.76
CA PRO B 88 25.35 7.03 30.48
C PRO B 88 24.17 6.22 29.97
N CYS B 89 23.99 6.25 28.65
CA CYS B 89 23.01 5.39 28.01
C CYS B 89 23.64 4.25 27.24
N CYS B 90 24.95 4.29 27.00
CA CYS B 90 25.61 3.19 26.30
C CYS B 90 27.11 3.25 26.51
N ASP B 91 27.71 2.10 26.82
CA ASP B 91 29.16 1.97 26.94
C ASP B 91 29.70 1.09 25.82
N SER B 92 30.64 1.65 25.07
CA SER B 92 31.16 1.15 23.81
C SER B 92 32.65 0.82 23.99
N GLY B 93 33.17 -0.10 23.17
CA GLY B 93 34.61 -0.28 23.23
C GLY B 93 35.41 0.92 22.75
N ASP B 94 34.72 1.88 22.16
CA ASP B 94 35.23 3.06 21.48
C ASP B 94 35.00 4.32 22.30
N ALA B 95 33.88 4.40 23.00
CA ALA B 95 33.37 5.65 23.56
C ALA B 95 32.47 5.36 24.75
N ILE B 96 31.96 6.45 25.33
CA ILE B 96 30.80 6.40 26.21
C ILE B 96 29.79 7.41 25.66
N TYR B 97 28.51 7.04 25.69
CA TYR B 97 27.44 7.80 25.05
C TYR B 97 26.49 8.37 26.09
N TYR B 98 26.16 9.66 25.97
CA TYR B 98 25.14 10.31 26.78
C TYR B 98 24.08 10.92 25.87
N GLY B 99 22.83 10.91 26.33
CA GLY B 99 21.79 11.64 25.62
C GLY B 99 21.88 13.13 25.89
N ALA B 100 21.45 13.91 24.90
CA ALA B 100 21.74 15.35 24.94
C ALA B 100 20.73 16.08 24.07
N THR B 101 20.41 17.32 24.46
CA THR B 101 19.29 18.09 23.92
C THR B 101 19.75 19.41 23.32
N CYS B 102 19.27 19.72 22.11
CA CYS B 102 19.52 21.02 21.49
C CYS B 102 18.58 22.08 22.03
N SER B 103 19.07 23.32 22.11
CA SER B 103 18.25 24.39 22.68
C SER B 103 17.24 24.93 21.69
N LYS B 104 17.64 25.10 20.42
CA LYS B 104 16.72 25.63 19.42
C LYS B 104 15.65 24.61 19.01
N ASP B 105 15.70 23.40 19.55
CA ASP B 105 14.52 22.53 19.62
C ASP B 105 14.78 21.60 20.83
N PRO B 106 14.15 21.90 21.98
CA PRO B 106 14.35 21.05 23.17
C PRO B 106 13.63 19.71 23.12
N ASP B 107 13.14 19.29 21.95
CA ASP B 107 12.58 17.97 21.76
C ASP B 107 13.31 17.36 20.56
N SER B 108 14.64 17.25 20.65
CA SER B 108 15.47 16.98 19.48
C SER B 108 16.48 15.86 19.62
N ILE B 109 16.73 15.35 20.84
CA ILE B 109 17.52 14.14 21.14
C ILE B 109 18.72 13.83 20.24
N TYR B 110 19.92 14.02 20.79
CA TYR B 110 21.19 13.66 20.17
C TYR B 110 22.05 12.89 21.16
N ALA B 111 22.75 11.86 20.69
CA ALA B 111 23.76 11.20 21.52
C ALA B 111 25.09 11.95 21.40
N VAL B 112 25.78 12.10 22.53
CA VAL B 112 27.07 12.77 22.58
C VAL B 112 28.12 11.71 22.93
N LYS B 113 29.03 11.47 22.00
CA LYS B 113 29.88 10.28 22.01
C LYS B 113 31.28 10.70 22.40
N ILE B 114 31.71 10.30 23.59
CA ILE B 114 33.00 10.72 24.14
C ILE B 114 33.99 9.58 23.93
N CYS B 115 34.97 9.79 23.05
CA CYS B 115 35.96 8.78 22.70
C CYS B 115 36.95 8.53 23.83
N LYS B 116 37.39 7.28 23.96
CA LYS B 116 38.34 6.85 24.98
C LYS B 116 39.78 6.89 24.47
N CYS B 126 37.76 9.80 13.81
CA CYS B 126 37.89 8.86 12.71
C CYS B 126 36.54 8.38 12.16
N SER B 127 36.26 8.69 10.89
CA SER B 127 35.01 8.33 10.23
C SER B 127 35.27 7.71 8.87
N PRO B 128 34.72 6.54 8.57
CA PRO B 128 35.05 5.85 7.32
C PRO B 128 34.65 6.68 6.10
N SER B 129 35.64 6.96 5.25
CA SER B 129 35.37 7.60 3.97
C SER B 129 34.40 6.74 3.16
N VAL B 130 33.11 6.93 3.38
CA VAL B 130 32.09 6.04 2.82
C VAL B 130 30.73 6.71 2.88
N PRO B 131 29.85 6.50 1.90
CA PRO B 131 28.50 7.09 1.97
C PRO B 131 27.69 6.54 3.13
N VAL B 132 26.58 7.24 3.41
CA VAL B 132 25.73 6.87 4.53
C VAL B 132 25.21 5.47 4.31
N HIS B 133 25.06 4.72 5.41
CA HIS B 133 24.41 3.43 5.35
C HIS B 133 23.66 3.20 6.66
N PHE B 134 22.52 2.52 6.55
CA PHE B 134 21.67 2.24 7.70
C PHE B 134 22.43 1.59 8.84
N ASN B 135 23.37 0.68 8.54
CA ASN B 135 24.05 -0.05 9.59
C ASN B 135 25.49 0.40 9.82
N ILE B 136 25.86 1.62 9.43
CA ILE B 136 27.19 2.16 9.67
C ILE B 136 27.06 3.54 10.30
N GLN B 137 27.85 3.79 11.37
CA GLN B 137 27.65 4.98 12.20
C GLN B 137 27.88 6.29 11.44
N GLN B 138 27.05 7.29 11.76
CA GLN B 138 27.18 8.63 11.22
C GLN B 138 27.24 9.62 12.36
N ASP B 139 27.67 10.85 12.05
CA ASP B 139 27.74 11.92 13.03
C ASP B 139 27.26 13.22 12.40
N CYS B 140 27.25 14.29 13.21
CA CYS B 140 26.96 15.64 12.75
C CYS B 140 28.15 16.58 12.85
N GLY B 141 29.33 16.06 13.12
CA GLY B 141 30.48 16.87 13.49
C GLY B 141 31.05 16.44 14.82
N HIS B 142 32.22 16.99 15.12
CA HIS B 142 32.97 16.61 16.31
C HIS B 142 33.70 17.82 16.83
N PHE B 143 34.34 17.68 17.99
CA PHE B 143 35.21 18.72 18.52
C PHE B 143 35.99 18.13 19.70
N VAL B 144 36.71 19.01 20.42
CA VAL B 144 37.48 18.66 21.60
C VAL B 144 36.94 19.46 22.78
N ALA B 145 37.02 18.89 24.00
CA ALA B 145 36.40 19.53 25.15
C ALA B 145 36.68 18.85 26.48
N SER B 146 37.59 19.42 27.29
CA SER B 146 37.80 19.07 28.69
C SER B 146 38.09 17.59 28.94
N VAL B 147 38.60 17.26 30.12
CA VAL B 147 38.78 15.87 30.50
C VAL B 147 38.11 15.64 31.86
N PRO B 148 36.77 15.66 31.92
CA PRO B 148 36.09 15.52 33.22
C PRO B 148 35.78 14.06 33.55
N SER B 149 35.82 13.77 34.84
CA SER B 149 35.68 12.41 35.35
C SER B 149 36.69 11.49 34.68
N CYS B 177 39.37 14.99 25.66
CA CYS B 177 38.46 14.08 24.96
C CYS B 177 38.13 14.58 23.55
N VAL B 178 37.96 13.65 22.62
CA VAL B 178 37.33 13.94 21.33
C VAL B 178 35.86 13.55 21.47
N VAL B 179 34.97 14.49 21.19
CA VAL B 179 33.54 14.30 21.42
C VAL B 179 32.79 14.48 20.11
N VAL B 180 32.04 13.44 19.72
CA VAL B 180 31.35 13.41 18.44
C VAL B 180 29.85 13.28 18.66
N ILE B 181 29.08 14.05 17.90
CA ILE B 181 27.64 14.17 18.00
C ILE B 181 27.00 13.24 16.98
N THR B 182 25.85 12.65 17.31
CA THR B 182 25.23 11.69 16.41
C THR B 182 23.73 11.66 16.68
N ARG B 183 22.95 11.40 15.63
CA ARG B 183 21.49 11.44 15.78
C ARG B 183 20.89 10.11 16.21
N GLU B 184 21.57 8.98 15.95
CA GLU B 184 21.08 7.65 16.31
C GLU B 184 21.62 7.30 17.70
N VAL B 185 20.85 7.59 18.74
CA VAL B 185 21.33 7.32 20.09
C VAL B 185 21.13 5.83 20.41
N PRO B 186 22.14 5.15 20.93
CA PRO B 186 22.00 3.72 21.19
C PRO B 186 21.69 3.46 22.65
N HIS B 187 20.87 2.44 22.94
CA HIS B 187 20.51 2.15 24.32
C HIS B 187 21.35 1.04 24.93
N GLN B 188 22.15 0.34 24.12
CA GLN B 188 22.98 -0.77 24.58
C GLN B 188 23.81 -1.21 23.39
N THR B 189 24.82 -2.04 23.66
CA THR B 189 25.55 -2.71 22.59
C THR B 189 25.09 -4.16 22.47
N ALA B 190 25.56 -4.81 21.41
CA ALA B 190 25.31 -6.24 21.26
C ALA B 190 25.90 -7.04 22.41
N SER B 191 27.04 -6.60 22.96
CA SER B 191 27.58 -7.23 24.16
C SER B 191 26.61 -7.10 25.32
N ASP B 192 26.16 -5.88 25.59
CA ASP B 192 25.17 -5.65 26.63
C ASP B 192 23.92 -6.49 26.39
N PHE B 193 23.58 -6.77 25.13
CA PHE B 193 22.40 -7.57 24.83
C PHE B 193 22.65 -9.05 25.12
N VAL B 194 23.72 -9.61 24.55
CA VAL B 194 24.05 -11.00 24.83
C VAL B 194 24.14 -11.25 26.33
N ARG B 195 24.72 -10.31 27.08
CA ARG B 195 24.99 -10.52 28.50
C ARG B 195 23.70 -10.51 29.34
N ASP B 196 22.68 -9.78 28.89
CA ASP B 196 21.43 -9.63 29.63
C ASP B 196 20.39 -10.71 29.29
N SER B 197 20.60 -11.49 28.24
CA SER B 197 19.56 -12.40 27.74
C SER B 197 19.90 -13.87 27.97
N VAL B 198 20.71 -14.17 29.00
CA VAL B 198 21.05 -15.56 29.28
C VAL B 198 19.82 -16.35 29.71
N ALA B 199 18.90 -15.72 30.44
CA ALA B 199 17.66 -16.39 30.84
C ALA B 199 16.76 -16.63 29.63
N SER B 200 16.56 -15.60 28.82
CA SER B 200 15.66 -15.72 27.67
C SER B 200 16.12 -16.79 26.69
N HIS B 201 17.43 -16.89 26.45
CA HIS B 201 17.92 -17.86 25.46
C HIS B 201 17.54 -19.28 25.83
N ARG B 202 17.72 -19.65 27.10
CA ARG B 202 17.26 -20.96 27.56
C ARG B 202 15.74 -21.00 27.68
N ALA B 203 15.11 -19.87 28.02
CA ALA B 203 13.67 -19.84 28.24
C ALA B 203 12.89 -20.00 26.93
N GLU B 204 13.16 -19.15 25.94
CA GLU B 204 12.50 -19.22 24.65
C GLU B 204 13.55 -19.06 23.55
N PRO B 205 14.07 -20.16 23.00
CA PRO B 205 15.27 -20.04 22.17
C PRO B 205 14.96 -19.81 20.69
N GLU B 206 13.77 -20.15 20.22
CA GLU B 206 13.44 -19.85 18.82
C GLU B 206 13.31 -18.34 18.61
N VAL B 207 12.67 -17.65 19.55
CA VAL B 207 12.57 -16.19 19.47
C VAL B 207 13.95 -15.56 19.58
N TYR B 208 14.78 -16.10 20.46
CA TYR B 208 16.12 -15.53 20.63
C TYR B 208 16.97 -15.78 19.39
N GLU B 209 17.17 -17.05 19.04
CA GLU B 209 18.05 -17.35 17.92
C GLU B 209 17.57 -16.69 16.62
N ARG B 210 16.27 -16.39 16.52
CA ARG B 210 15.79 -15.62 15.38
C ARG B 210 16.31 -14.19 15.43
N ARG B 211 16.14 -13.53 16.59
CA ARG B 211 16.72 -12.21 16.77
C ARG B 211 18.20 -12.21 16.44
N VAL B 212 18.92 -13.28 16.81
CA VAL B 212 20.32 -13.36 16.43
C VAL B 212 20.49 -13.31 14.91
N CYS B 213 19.63 -14.03 14.17
CA CYS B 213 19.77 -13.99 12.72
C CYS B 213 19.55 -12.59 12.19
N PHE B 214 18.55 -11.86 12.73
CA PHE B 214 18.32 -10.50 12.23
C PHE B 214 19.50 -9.60 12.54
N LEU B 215 20.09 -9.75 13.73
CA LEU B 215 21.30 -8.99 14.05
C LEU B 215 22.42 -9.30 13.08
N LEU B 216 22.69 -10.60 12.85
CA LEU B 216 23.77 -10.97 11.93
C LEU B 216 23.47 -10.52 10.52
N LEU B 217 22.21 -10.48 10.14
CA LEU B 217 21.88 -10.07 8.79
C LEU B 217 22.18 -8.58 8.59
N GLN B 218 21.78 -7.74 9.56
CA GLN B 218 22.18 -6.33 9.54
C GLN B 218 23.69 -6.17 9.57
N LEU B 219 24.37 -6.94 10.41
CA LEU B 219 25.82 -6.86 10.46
C LEU B 219 26.42 -7.09 9.08
N CYS B 220 25.98 -8.15 8.40
CA CYS B 220 26.43 -8.42 7.04
C CYS B 220 26.07 -7.27 6.11
N ASN B 221 24.84 -6.77 6.20
CA ASN B 221 24.46 -5.67 5.33
C ASN B 221 25.42 -4.48 5.48
N GLY B 222 25.79 -4.16 6.71
CA GLY B 222 26.80 -3.12 6.90
C GLY B 222 28.15 -3.51 6.35
N LEU B 223 28.60 -4.76 6.62
CA LEU B 223 29.95 -5.18 6.19
C LEU B 223 30.09 -5.22 4.67
N GLU B 224 29.05 -5.66 3.97
CA GLU B 224 29.07 -5.61 2.51
C GLU B 224 29.37 -4.20 2.03
N HIS B 225 28.64 -3.21 2.58
CA HIS B 225 28.80 -1.83 2.15
C HIS B 225 30.22 -1.33 2.40
N LEU B 226 30.83 -1.72 3.54
CA LEU B 226 32.23 -1.39 3.78
C LEU B 226 33.12 -2.06 2.73
N LYS B 227 32.85 -3.32 2.40
CA LYS B 227 33.68 -3.98 1.40
C LYS B 227 33.56 -3.31 0.04
N GLU B 228 32.37 -2.79 -0.31
CA GLU B 228 32.19 -2.08 -1.58
C GLU B 228 33.04 -0.84 -1.69
N HIS B 229 33.55 -0.32 -0.57
CA HIS B 229 34.42 0.85 -0.59
C HIS B 229 35.81 0.52 -0.04
N GLY B 230 36.14 -0.77 0.04
CA GLY B 230 37.47 -1.21 0.42
C GLY B 230 37.88 -0.98 1.87
N ILE B 231 36.94 -0.77 2.79
CA ILE B 231 37.29 -0.68 4.21
C ILE B 231 37.20 -2.08 4.81
N ILE B 232 38.14 -2.41 5.68
CA ILE B 232 38.10 -3.64 6.48
C ILE B 232 38.01 -3.21 7.94
N HIS B 233 36.91 -3.54 8.60
CA HIS B 233 36.69 -2.98 9.93
C HIS B 233 37.78 -3.41 10.91
N ARG B 234 38.13 -4.69 10.93
CA ARG B 234 39.26 -5.27 11.66
C ARG B 234 39.08 -5.30 13.19
N ASP B 235 37.96 -4.85 13.74
CA ASP B 235 37.78 -4.87 15.19
C ASP B 235 36.32 -5.18 15.53
N LEU B 236 35.87 -6.37 15.12
CA LEU B 236 34.46 -6.76 15.15
C LEU B 236 34.16 -7.61 16.39
N CYS B 237 33.76 -6.93 17.47
CA CYS B 237 33.37 -7.56 18.72
C CYS B 237 32.02 -6.98 19.13
N LEU B 238 31.37 -7.63 20.10
CA LEU B 238 29.99 -7.22 20.37
C LEU B 238 29.90 -5.91 21.15
N GLU B 239 31.00 -5.44 21.74
CA GLU B 239 30.95 -4.15 22.41
C GLU B 239 31.00 -2.98 21.42
N ASN B 240 31.27 -3.24 20.13
CA ASN B 240 31.33 -2.21 19.10
C ASN B 240 30.08 -2.14 18.25
N LEU B 241 29.12 -3.05 18.46
CA LEU B 241 27.89 -3.08 17.66
C LEU B 241 26.77 -2.40 18.44
N LEU B 242 26.42 -1.18 18.04
CA LEU B 242 25.38 -0.44 18.70
C LEU B 242 24.00 -0.92 18.26
N LEU B 243 23.05 -0.91 19.20
CA LEU B 243 21.65 -1.19 18.92
C LEU B 243 20.84 0.06 19.24
N VAL B 244 19.97 0.45 18.32
CA VAL B 244 19.23 1.71 18.38
C VAL B 244 17.76 1.39 18.16
N HIS B 245 16.89 1.90 19.01
CA HIS B 245 15.47 1.68 18.80
C HIS B 245 15.07 2.19 17.41
N CYS B 246 14.17 1.45 16.76
CA CYS B 246 13.75 1.74 15.37
C CYS B 246 12.24 1.84 15.20
N LYS B 285 13.95 -5.73 22.36
CA LYS B 285 12.49 -5.78 22.43
C LYS B 285 11.89 -5.94 21.02
N HIS B 286 11.53 -4.81 20.41
CA HIS B 286 11.40 -4.72 18.97
C HIS B 286 12.76 -4.87 18.31
N LEU B 287 12.79 -5.35 17.07
CA LEU B 287 14.06 -5.58 16.40
C LEU B 287 14.83 -4.27 16.30
N PRO B 288 15.92 -4.12 17.03
CA PRO B 288 16.68 -2.86 16.98
C PRO B 288 17.49 -2.76 15.70
N ARG B 289 17.85 -1.51 15.39
CA ARG B 289 18.78 -1.19 14.32
C ARG B 289 20.21 -1.42 14.78
N LEU B 290 20.96 -2.26 14.07
CA LEU B 290 22.33 -2.55 14.45
C LEU B 290 23.24 -1.59 13.71
N ILE B 291 24.17 -0.98 14.43
CA ILE B 291 25.02 0.07 13.87
C ILE B 291 26.46 -0.29 14.16
N ILE B 292 27.27 -0.41 13.11
CA ILE B 292 28.68 -0.78 13.20
C ILE B 292 29.49 0.48 13.51
N SER B 293 30.24 0.46 14.61
CA SER B 293 30.94 1.63 15.11
C SER B 293 32.37 1.25 15.49
N ASN B 294 33.17 2.28 15.81
CA ASN B 294 34.56 2.14 16.24
C ASN B 294 35.46 1.71 15.09
N PHE B 295 35.84 2.66 14.24
CA PHE B 295 36.74 2.37 13.14
C PHE B 295 38.18 2.71 13.48
N LEU B 296 38.58 2.49 14.74
CA LEU B 296 39.89 2.94 15.18
C LEU B 296 41.03 2.15 14.56
N LYS B 297 40.77 0.98 13.99
CA LYS B 297 41.81 0.27 13.25
C LYS B 297 41.30 -0.28 11.93
N ALA B 298 40.22 0.29 11.39
CA ALA B 298 39.82 -0.04 10.03
C ALA B 298 40.92 0.35 9.05
N LYS B 299 41.15 -0.50 8.06
CA LYS B 299 42.10 -0.23 6.99
C LYS B 299 41.34 0.02 5.69
N GLN B 300 41.97 0.81 4.80
CA GLN B 300 41.45 1.08 3.46
C GLN B 300 42.44 0.53 2.44
N LYS B 301 41.91 -0.06 1.37
CA LYS B 301 42.74 -0.60 0.30
C LYS B 301 43.08 0.53 -0.66
N PRO B 302 44.34 0.95 -0.77
CA PRO B 302 44.67 2.04 -1.70
C PRO B 302 44.33 1.66 -3.13
N GLY B 303 43.93 2.66 -3.91
CA GLY B 303 43.52 2.42 -5.28
C GLY B 303 42.03 2.66 -5.48
N LYS B 312 52.75 8.64 -1.90
CA LYS B 312 53.87 7.82 -2.37
C LYS B 312 53.92 6.50 -1.59
N SER B 313 54.62 6.54 -0.46
CA SER B 313 54.94 5.37 0.37
C SER B 313 55.92 4.50 -0.41
N GLN B 314 55.65 3.21 -0.58
CA GLN B 314 56.58 2.32 -1.26
C GLN B 314 55.83 1.16 -1.90
N ALA B 315 56.23 0.82 -3.11
CA ALA B 315 55.82 -0.43 -3.75
C ALA B 315 56.98 -1.41 -3.81
N ARG B 316 57.90 -1.33 -2.84
CA ARG B 316 59.00 -2.26 -2.70
C ARG B 316 58.54 -3.51 -1.96
N LEU B 317 57.27 -3.87 -2.11
CA LEU B 317 56.71 -5.08 -1.56
C LEU B 317 56.86 -6.22 -2.56
N ALA B 318 57.02 -7.42 -2.03
CA ALA B 318 57.20 -8.59 -2.87
C ALA B 318 55.98 -8.74 -3.79
N PRO B 319 56.18 -9.32 -4.98
CA PRO B 319 55.03 -9.64 -5.84
C PRO B 319 53.96 -10.46 -5.11
N GLU B 320 54.36 -11.48 -4.36
CA GLU B 320 53.40 -12.38 -3.73
C GLU B 320 52.56 -11.68 -2.67
N ILE B 321 52.88 -10.41 -2.39
CA ILE B 321 52.15 -9.59 -1.42
C ILE B 321 51.24 -8.57 -2.10
N VAL B 322 51.73 -7.85 -3.12
CA VAL B 322 50.88 -6.91 -3.86
C VAL B 322 49.64 -7.63 -4.42
N SER B 323 49.73 -8.94 -4.63
CA SER B 323 48.57 -9.73 -5.02
C SER B 323 47.60 -9.91 -3.85
N ALA B 324 48.13 -10.03 -2.63
CA ALA B 324 47.33 -10.50 -1.49
C ALA B 324 46.19 -9.57 -1.11
N SER B 325 46.52 -8.37 -0.60
CA SER B 325 45.57 -7.58 0.17
C SER B 325 44.84 -8.51 1.16
N GLN B 326 45.65 -9.30 1.88
CA GLN B 326 45.21 -10.50 2.59
C GLN B 326 44.18 -10.24 3.68
N TYR B 327 43.47 -9.12 3.60
CA TYR B 327 42.29 -8.88 4.41
C TYR B 327 41.02 -9.07 3.61
N ARG B 328 41.09 -9.79 2.48
CA ARG B 328 39.92 -10.01 1.65
C ARG B 328 38.81 -10.72 2.42
N LYS B 329 39.20 -11.63 3.31
CA LYS B 329 38.26 -12.48 4.03
C LYS B 329 38.56 -12.45 5.53
N PHE B 330 38.90 -11.26 6.04
CA PHE B 330 39.21 -11.07 7.45
C PHE B 330 37.99 -10.68 8.27
N ASP B 331 37.13 -9.81 7.74
CA ASP B 331 35.90 -9.47 8.45
C ASP B 331 34.99 -10.69 8.55
N GLU B 332 34.97 -11.54 7.52
CA GLU B 332 34.18 -12.76 7.57
C GLU B 332 34.61 -13.64 8.73
N PHE B 333 35.91 -13.81 8.90
CA PHE B 333 36.39 -14.62 10.01
C PHE B 333 35.90 -14.06 11.34
N GLN B 334 35.94 -12.74 11.50
CA GLN B 334 35.53 -12.13 12.76
C GLN B 334 34.05 -12.38 13.03
N THR B 335 33.23 -12.35 11.98
CA THR B 335 31.80 -12.59 12.14
C THR B 335 31.54 -14.03 12.56
N GLY B 336 32.31 -14.97 12.02
CA GLY B 336 32.16 -16.36 12.45
C GLY B 336 32.22 -16.49 13.95
N ILE B 337 33.15 -15.76 14.57
CA ILE B 337 33.30 -15.79 16.02
C ILE B 337 32.10 -15.14 16.72
N LEU B 338 31.61 -14.01 16.20
CA LEU B 338 30.43 -13.40 16.81
C LEU B 338 29.23 -14.34 16.82
N ILE B 339 29.17 -15.32 15.90
CA ILE B 339 28.01 -16.20 15.85
C ILE B 339 27.93 -17.03 17.12
N TYR B 340 29.08 -17.50 17.60
CA TYR B 340 29.16 -18.21 18.87
C TYR B 340 28.81 -17.30 20.04
N GLU B 341 29.41 -16.11 20.08
CA GLU B 341 29.21 -15.20 21.20
C GLU B 341 27.75 -14.76 21.31
N LEU B 342 27.10 -14.50 20.18
CA LEU B 342 25.69 -14.14 20.25
C LEU B 342 24.87 -15.31 20.80
N LEU B 343 25.34 -16.54 20.63
CA LEU B 343 24.61 -17.73 21.05
C LEU B 343 25.11 -18.29 22.37
N HIS B 344 25.57 -17.40 23.25
CA HIS B 344 26.01 -17.73 24.61
C HIS B 344 26.90 -18.97 24.63
N GLN B 345 27.98 -18.88 23.87
CA GLN B 345 29.00 -19.92 23.71
C GLN B 345 30.37 -19.23 23.66
N PRO B 346 31.46 -19.96 23.83
CA PRO B 346 32.79 -19.32 23.83
C PRO B 346 33.35 -19.13 22.43
N ASN B 347 34.28 -18.18 22.33
CA ASN B 347 35.15 -18.08 21.17
C ASN B 347 36.04 -19.32 21.16
N PRO B 348 35.90 -20.23 20.20
CA PRO B 348 36.75 -21.43 20.18
C PRO B 348 38.23 -21.11 20.10
N PHE B 349 38.60 -20.04 19.40
CA PHE B 349 39.99 -19.69 19.18
C PHE B 349 40.60 -18.89 20.34
N GLU B 350 40.56 -19.45 21.55
CA GLU B 350 41.15 -18.75 22.68
C GLU B 350 41.77 -19.73 23.70
N ARG B 362 33.44 -25.75 6.63
CA ARG B 362 33.34 -26.47 7.88
C ARG B 362 34.65 -27.16 8.23
N GLU B 363 34.68 -27.84 9.38
CA GLU B 363 35.82 -28.67 9.78
C GLU B 363 35.41 -29.55 10.96
N ASP B 364 36.02 -29.36 12.12
CA ASP B 364 35.64 -30.05 13.37
C ASP B 364 35.84 -29.12 14.57
N LEU B 365 35.06 -28.02 14.57
CA LEU B 365 34.89 -26.94 15.54
C LEU B 365 33.74 -27.29 16.47
N PRO B 366 33.61 -26.61 17.61
CA PRO B 366 32.63 -27.07 18.63
C PRO B 366 31.21 -26.85 18.15
N PRO B 367 30.36 -27.88 18.23
CA PRO B 367 28.99 -27.76 17.73
C PRO B 367 28.20 -26.70 18.47
N LEU B 368 27.06 -26.36 17.88
CA LEU B 368 26.13 -25.58 18.68
C LEU B 368 25.06 -26.49 19.27
N PRO B 369 24.59 -26.23 20.50
CA PRO B 369 23.38 -26.91 20.98
C PRO B 369 22.20 -26.66 20.04
N THR B 370 21.51 -27.73 19.65
CA THR B 370 20.32 -27.59 18.81
C THR B 370 19.18 -27.15 19.71
N LEU B 371 18.93 -25.85 19.75
CA LEU B 371 17.91 -25.29 20.60
C LEU B 371 16.79 -24.63 19.81
N SER B 372 16.83 -24.68 18.49
CA SER B 372 15.80 -24.00 17.74
C SER B 372 15.86 -24.43 16.30
N LEU B 373 14.90 -23.91 15.54
CA LEU B 373 14.86 -24.04 14.09
C LEU B 373 16.12 -23.50 13.40
N TYR B 374 16.87 -22.61 14.07
CA TYR B 374 18.07 -21.97 13.49
C TYR B 374 19.37 -22.55 13.97
N SER B 375 19.37 -23.26 15.09
CA SER B 375 20.61 -23.73 15.70
C SER B 375 21.53 -24.45 14.72
N PRO B 376 21.08 -25.49 13.99
CA PRO B 376 22.01 -26.14 13.02
C PRO B 376 22.51 -25.22 11.92
N GLY B 377 21.63 -24.48 11.24
CA GLY B 377 22.07 -23.56 10.20
C GLY B 377 23.10 -22.56 10.70
N LEU B 378 22.88 -22.00 11.88
CA LEU B 378 23.85 -21.06 12.41
C LEU B 378 25.19 -21.76 12.65
N GLN B 379 25.16 -23.00 13.14
CA GLN B 379 26.42 -23.73 13.34
C GLN B 379 27.14 -23.94 12.02
N GLN B 380 26.38 -24.35 10.99
CA GLN B 380 26.97 -24.55 9.68
C GLN B 380 27.59 -23.28 9.13
N LEU B 381 26.84 -22.18 9.21
CA LEU B 381 27.38 -20.91 8.73
C LEU B 381 28.63 -20.50 9.51
N ALA B 382 28.67 -20.75 10.83
CA ALA B 382 29.90 -20.43 11.56
C ALA B 382 31.06 -21.28 11.07
N HIS B 383 30.81 -22.56 10.81
CA HIS B 383 31.87 -23.39 10.22
C HIS B 383 32.39 -22.77 8.93
N LEU B 384 31.49 -22.42 8.00
CA LEU B 384 31.91 -21.83 6.74
C LEU B 384 32.65 -20.52 6.93
N LEU B 385 32.31 -19.77 7.97
CA LEU B 385 32.99 -18.49 8.18
C LEU B 385 34.30 -18.65 8.92
N LEU B 386 34.45 -19.70 9.73
CA LEU B 386 35.71 -19.87 10.45
C LEU B 386 36.72 -20.77 9.72
N GLU B 387 36.37 -21.27 8.53
CA GLU B 387 37.25 -22.12 7.74
C GLU B 387 38.68 -21.58 7.72
N ALA B 388 39.65 -22.43 8.08
CA ALA B 388 41.02 -21.94 8.25
C ALA B 388 41.61 -21.40 6.95
N ASP B 389 41.26 -21.99 5.79
CA ASP B 389 41.81 -21.58 4.48
C ASP B 389 41.04 -20.41 3.89
N PRO B 390 41.68 -19.23 3.78
CA PRO B 390 40.95 -18.04 3.30
C PRO B 390 40.29 -18.19 1.95
N ILE B 391 40.91 -18.91 1.01
CA ILE B 391 40.25 -19.13 -0.28
C ILE B 391 38.96 -19.94 -0.11
N LYS B 392 38.94 -20.88 0.85
CA LYS B 392 37.73 -21.67 1.09
C LYS B 392 36.67 -20.88 1.84
N ARG B 393 37.06 -20.07 2.82
CA ARG B 393 36.12 -19.28 3.61
C ARG B 393 35.15 -18.55 2.70
N ILE B 394 33.88 -18.44 3.12
CA ILE B 394 32.89 -17.81 2.28
C ILE B 394 32.95 -16.29 2.45
N ARG B 395 32.39 -15.57 1.48
CA ARG B 395 32.36 -14.11 1.50
C ARG B 395 31.13 -13.64 2.25
N ILE B 396 31.22 -12.41 2.80
CA ILE B 396 30.17 -11.89 3.67
C ILE B 396 28.81 -11.91 2.97
N GLY B 397 28.79 -11.68 1.66
CA GLY B 397 27.54 -11.76 0.93
C GLY B 397 26.98 -13.17 0.89
N GLU B 398 27.85 -14.17 0.76
CA GLU B 398 27.40 -15.55 0.88
C GLU B 398 26.75 -15.78 2.23
N ALA B 399 27.30 -15.16 3.28
CA ALA B 399 26.68 -15.28 4.58
C ALA B 399 25.34 -14.58 4.59
N LYS B 400 25.25 -13.38 4.00
CA LYS B 400 23.99 -12.66 4.05
C LYS B 400 22.84 -13.53 3.51
N ARG B 401 23.05 -14.19 2.37
CA ARG B 401 21.94 -14.93 1.74
C ARG B 401 21.59 -16.18 2.53
N VAL B 402 22.57 -16.80 3.19
CA VAL B 402 22.28 -17.90 4.09
C VAL B 402 21.33 -17.43 5.18
N LEU B 403 21.67 -16.32 5.86
CA LEU B 403 20.82 -15.83 6.94
C LEU B 403 19.44 -15.42 6.41
N GLN B 404 19.38 -14.79 5.24
CA GLN B 404 18.06 -14.59 4.65
C GLN B 404 17.34 -15.92 4.53
N CYS B 405 18.07 -17.00 4.19
CA CYS B 405 17.42 -18.30 4.02
C CYS B 405 16.95 -18.88 5.35
N LEU B 406 17.79 -18.80 6.38
CA LEU B 406 17.36 -19.22 7.72
C LEU B 406 16.14 -18.44 8.18
N LEU B 407 16.03 -17.19 7.74
CA LEU B 407 15.02 -16.28 8.27
C LEU B 407 13.68 -16.43 7.56
N TRP B 408 13.68 -16.51 6.22
CA TRP B 408 12.43 -16.56 5.45
C TRP B 408 12.30 -17.79 4.58
N GLY B 409 13.26 -18.73 4.63
CA GLY B 409 13.17 -19.92 3.82
C GLY B 409 13.97 -19.79 2.54
N PRO B 410 14.00 -20.84 1.70
CA PRO B 410 13.32 -22.15 1.89
C PRO B 410 13.99 -23.07 2.93
N ARG B 411 13.28 -24.15 3.23
CA ARG B 411 13.62 -25.00 4.35
C ARG B 411 13.67 -26.45 3.87
N ARG B 412 14.04 -27.35 4.78
CA ARG B 412 14.32 -28.72 4.37
C ARG B 412 13.11 -29.36 3.72
N GLU B 413 11.90 -28.92 4.09
CA GLU B 413 10.69 -29.58 3.60
C GLU B 413 10.55 -29.44 2.08
N LEU B 414 10.76 -28.23 1.55
CA LEU B 414 10.77 -28.02 0.11
C LEU B 414 11.77 -28.93 -0.58
N VAL B 415 12.94 -29.13 0.03
CA VAL B 415 14.00 -29.91 -0.63
C VAL B 415 13.81 -31.40 -0.45
N GLU B 416 12.96 -31.81 0.50
CA GLU B 416 12.80 -33.23 0.82
C GLU B 416 11.75 -33.90 -0.03
N GLN B 417 10.84 -33.12 -0.61
CA GLN B 417 9.82 -33.73 -1.44
C GLN B 417 10.46 -34.25 -2.71
N PRO B 418 10.02 -35.42 -3.21
CA PRO B 418 10.76 -36.10 -4.28
C PRO B 418 10.97 -35.18 -5.48
N CYS B 419 12.21 -35.11 -5.92
CA CYS B 419 12.56 -34.27 -7.00
C CYS B 419 13.73 -34.93 -7.75
N PRO B 420 13.63 -35.07 -9.08
CA PRO B 420 14.59 -35.92 -9.81
C PRO B 420 15.89 -35.24 -10.23
N SER B 421 15.99 -33.91 -10.14
CA SER B 421 17.15 -33.20 -10.68
C SER B 421 17.16 -31.77 -10.16
N GLU B 422 18.35 -31.15 -10.17
CA GLU B 422 18.44 -29.75 -9.80
C GLU B 422 17.76 -28.85 -10.82
N GLU B 423 17.57 -29.32 -12.05
CA GLU B 423 16.84 -28.55 -13.05
C GLU B 423 15.35 -28.46 -12.71
N VAL B 424 14.84 -29.44 -11.96
CA VAL B 424 13.43 -29.46 -11.58
C VAL B 424 13.21 -28.75 -10.25
N LEU B 425 14.16 -28.87 -9.32
CA LEU B 425 14.11 -28.08 -8.10
C LEU B 425 14.08 -26.59 -8.39
N CYS B 426 14.72 -26.15 -9.49
CA CYS B 426 14.78 -24.72 -9.78
C CYS B 426 13.42 -24.16 -10.17
N ASN B 427 12.59 -24.94 -10.87
CA ASN B 427 11.25 -24.47 -11.18
C ASN B 427 10.41 -24.34 -9.91
N THR B 428 10.42 -25.40 -9.10
CA THR B 428 9.81 -25.37 -7.78
C THR B 428 10.25 -24.17 -6.96
N LEU B 429 11.56 -23.90 -6.93
CA LEU B 429 12.01 -22.70 -6.23
C LEU B 429 11.39 -21.46 -6.85
N HIS B 430 11.27 -21.45 -8.17
CA HIS B 430 10.69 -20.29 -8.85
C HIS B 430 9.27 -20.02 -8.39
N ASN B 431 8.44 -21.07 -8.25
CA ASN B 431 7.10 -20.88 -7.70
C ASN B 431 7.17 -20.37 -6.27
N TRP B 432 8.02 -20.97 -5.45
CA TRP B 432 8.19 -20.49 -4.08
C TRP B 432 8.43 -18.99 -4.05
N ILE B 433 9.24 -18.47 -4.98
CA ILE B 433 9.55 -17.05 -4.96
C ILE B 433 8.34 -16.23 -5.35
N ASP B 434 7.67 -16.63 -6.43
CA ASP B 434 6.49 -15.90 -6.86
C ASP B 434 5.44 -15.86 -5.74
N MET B 435 5.27 -16.98 -5.04
CA MET B 435 4.35 -16.97 -3.91
C MET B 435 4.82 -15.99 -2.83
N LYS B 436 6.05 -16.18 -2.32
CA LYS B 436 6.51 -15.32 -1.24
C LYS B 436 6.53 -13.85 -1.65
N ARG B 437 6.56 -13.54 -2.95
CA ARG B 437 6.51 -12.13 -3.35
C ARG B 437 5.08 -11.58 -3.29
N ALA B 438 4.14 -12.31 -3.91
CA ALA B 438 2.72 -11.93 -3.84
C ALA B 438 2.27 -11.75 -2.40
N LEU B 439 2.62 -12.71 -1.52
CA LEU B 439 2.24 -12.58 -0.13
C LEU B 439 2.76 -11.29 0.47
N MET B 440 4.05 -10.99 0.22
CA MET B 440 4.62 -9.72 0.64
C MET B 440 3.85 -8.53 0.05
N MET B 441 3.69 -8.50 -1.28
CA MET B 441 2.89 -7.46 -1.90
C MET B 441 1.56 -7.30 -1.19
N MET B 442 0.86 -8.42 -0.94
CA MET B 442 -0.47 -8.37 -0.31
C MET B 442 -0.39 -7.76 1.09
N LYS B 443 0.71 -8.01 1.80
CA LYS B 443 0.85 -7.49 3.15
C LYS B 443 1.03 -5.98 3.14
N PHE B 444 1.90 -5.45 2.27
CA PHE B 444 2.03 -4.00 2.13
C PHE B 444 0.74 -3.36 1.61
N ALA B 445 0.03 -4.03 0.70
CA ALA B 445 -1.20 -3.44 0.19
C ALA B 445 -2.21 -3.24 1.30
N GLU B 446 -2.27 -4.15 2.27
CA GLU B 446 -3.22 -3.94 3.35
C GLU B 446 -2.75 -2.92 4.36
N LYS B 447 -1.46 -2.55 4.32
CA LYS B 447 -0.95 -1.52 5.22
C LYS B 447 -1.26 -0.11 4.74
N ALA B 448 -1.42 0.09 3.43
CA ALA B 448 -1.75 1.40 2.89
C ALA B 448 -3.13 1.89 3.29
N VAL B 449 -3.92 1.09 4.00
CA VAL B 449 -5.34 1.38 4.15
C VAL B 449 -5.84 1.08 5.56
N GLU B 450 -4.95 0.82 6.52
CA GLU B 450 -5.43 0.68 7.88
C GLU B 450 -4.79 1.69 8.83
N ARG B 451 -4.72 1.33 10.12
CA ARG B 451 -4.28 2.13 11.25
C ARG B 451 -3.15 3.13 10.95
N ARG B 452 -1.92 2.80 11.35
CA ARG B 452 -0.77 3.69 11.20
C ARG B 452 0.12 3.22 10.05
N ARG B 453 1.29 3.86 9.91
CA ARG B 453 2.23 3.49 8.84
C ARG B 453 2.52 1.99 8.87
N GLY B 454 3.10 1.51 9.97
CA GLY B 454 3.21 0.09 10.24
C GLY B 454 4.35 -0.63 9.55
N VAL B 455 5.14 0.04 8.72
CA VAL B 455 6.24 -0.60 8.01
C VAL B 455 7.43 -0.73 8.97
N GLU B 456 7.73 -1.97 9.38
CA GLU B 456 8.76 -2.23 10.37
C GLU B 456 10.07 -2.68 9.71
N LEU B 457 11.16 -2.53 10.47
CA LEU B 457 12.48 -2.89 9.95
C LEU B 457 12.46 -4.31 9.38
N GLU B 458 11.90 -5.25 10.15
CA GLU B 458 11.79 -6.64 9.70
C GLU B 458 11.12 -6.75 8.34
N ASP B 459 10.20 -5.85 8.01
CA ASP B 459 9.56 -5.93 6.70
C ASP B 459 10.51 -5.50 5.60
N TRP B 460 11.26 -4.42 5.84
CA TRP B 460 12.19 -3.94 4.84
C TRP B 460 13.23 -5.01 4.52
N LEU B 461 13.77 -5.65 5.56
CA LEU B 461 14.77 -6.71 5.39
C LEU B 461 14.20 -7.84 4.55
N CYS B 462 12.98 -8.28 4.89
CA CYS B 462 12.34 -9.31 4.09
C CYS B 462 12.23 -8.85 2.64
N CYS B 463 11.87 -7.58 2.44
CA CYS B 463 11.69 -7.10 1.08
C CYS B 463 12.98 -7.14 0.30
N GLN B 464 14.12 -6.83 0.96
CA GLN B 464 15.35 -6.85 0.18
C GLN B 464 15.78 -8.28 -0.16
N TYR B 465 15.33 -9.27 0.60
CA TYR B 465 15.47 -10.66 0.16
C TYR B 465 14.65 -10.92 -1.09
N LEU B 466 13.32 -10.78 -0.96
CA LEU B 466 12.41 -11.21 -2.03
C LEU B 466 12.70 -10.46 -3.31
N ALA B 467 13.12 -9.20 -3.19
CA ALA B 467 13.46 -8.39 -4.35
C ALA B 467 14.65 -8.96 -5.09
N SER B 468 15.64 -9.48 -4.36
CA SER B 468 16.93 -9.82 -4.93
C SER B 468 17.10 -11.31 -5.23
N ALA B 469 16.16 -12.16 -4.81
CA ALA B 469 16.35 -13.60 -4.89
C ALA B 469 15.96 -14.15 -6.26
N GLU B 470 16.68 -15.19 -6.69
CA GLU B 470 16.46 -15.94 -7.91
C GLU B 470 16.72 -17.42 -7.61
N PRO B 471 16.00 -18.34 -8.29
CA PRO B 471 16.28 -19.78 -8.08
C PRO B 471 17.74 -20.15 -8.18
N GLY B 472 18.53 -19.45 -9.00
CA GLY B 472 19.96 -19.69 -9.02
C GLY B 472 20.61 -19.61 -7.66
N ALA B 473 20.48 -18.46 -6.99
CA ALA B 473 21.21 -18.26 -5.75
C ALA B 473 20.59 -19.03 -4.58
N LEU B 474 19.26 -19.18 -4.57
CA LEU B 474 18.64 -19.96 -3.51
C LEU B 474 19.20 -21.38 -3.50
N LEU B 475 19.41 -21.95 -4.69
CA LEU B 475 20.11 -23.23 -4.78
C LEU B 475 21.47 -23.19 -4.09
N GLN B 476 22.31 -22.21 -4.44
CA GLN B 476 23.65 -22.16 -3.84
C GLN B 476 23.57 -22.03 -2.33
N SER B 477 22.58 -21.27 -1.83
CA SER B 477 22.48 -21.11 -0.38
C SER B 477 21.98 -22.39 0.28
N LEU B 478 21.02 -23.09 -0.34
CA LEU B 478 20.65 -24.38 0.24
C LEU B 478 21.82 -25.36 0.23
N LYS B 479 22.73 -25.28 -0.76
CA LYS B 479 23.90 -26.17 -0.70
C LYS B 479 24.78 -25.84 0.50
N LEU B 480 25.08 -24.54 0.70
CA LEU B 480 25.85 -24.13 1.87
C LEU B 480 25.20 -24.57 3.18
N LEU B 481 23.88 -24.66 3.21
CA LEU B 481 23.24 -25.14 4.43
C LEU B 481 23.22 -26.66 4.51
N GLN B 482 23.75 -27.34 3.50
CA GLN B 482 23.73 -28.79 3.41
C GLN B 482 22.31 -29.34 3.44
N LEU B 483 21.37 -28.54 2.91
CA LEU B 483 20.04 -29.02 2.59
C LEU B 483 19.96 -29.55 1.17
N LEU B 484 20.85 -29.10 0.30
CA LEU B 484 20.89 -29.55 -1.08
C LEU B 484 22.29 -30.07 -1.48
#